data_2H0N
# 
_entry.id   2H0N 
# 
_audit_conform.dict_name       mmcif_pdbx.dic 
_audit_conform.dict_version    5.389 
_audit_conform.dict_location   http://mmcif.pdb.org/dictionaries/ascii/mmcif_pdbx.dic 
# 
loop_
_database_2.database_id 
_database_2.database_code 
_database_2.pdbx_database_accession 
_database_2.pdbx_DOI 
PDB   2H0N         pdb_00002h0n 10.2210/pdb2h0n/pdb 
NDB   UD0068       ?            ?                   
RCSB  RCSB037781   ?            ?                   
WWPDB D_1000037781 ?            ?                   
# 
loop_
_pdbx_audit_revision_history.ordinal 
_pdbx_audit_revision_history.data_content_type 
_pdbx_audit_revision_history.major_revision 
_pdbx_audit_revision_history.minor_revision 
_pdbx_audit_revision_history.revision_date 
1 'Structure model' 1 0 2007-04-24 
2 'Structure model' 1 1 2008-03-17 
3 'Structure model' 1 2 2011-07-13 
4 'Structure model' 1 3 2017-10-11 
5 'Structure model' 1 4 2024-02-14 
6 'Structure model' 1 5 2024-04-03 
# 
_pdbx_audit_revision_details.ordinal             1 
_pdbx_audit_revision_details.revision_ordinal    1 
_pdbx_audit_revision_details.data_content_type   'Structure model' 
_pdbx_audit_revision_details.provider            repository 
_pdbx_audit_revision_details.type                'Initial release' 
_pdbx_audit_revision_details.description         ? 
_pdbx_audit_revision_details.details             ? 
# 
loop_
_pdbx_audit_revision_group.ordinal 
_pdbx_audit_revision_group.revision_ordinal 
_pdbx_audit_revision_group.data_content_type 
_pdbx_audit_revision_group.group 
1 2 'Structure model' 'Version format compliance' 
2 3 'Structure model' 'Version format compliance' 
3 4 'Structure model' 'Data collection'           
4 4 'Structure model' 'Refinement description'    
5 5 'Structure model' 'Data collection'           
6 5 'Structure model' 'Database references'       
7 5 'Structure model' 'Derived calculations'      
8 6 'Structure model' 'Refinement description'    
# 
loop_
_pdbx_audit_revision_category.ordinal 
_pdbx_audit_revision_category.revision_ordinal 
_pdbx_audit_revision_category.data_content_type 
_pdbx_audit_revision_category.category 
1 4 'Structure model' reflns_shell                  
2 4 'Structure model' software                      
3 5 'Structure model' chem_comp_atom                
4 5 'Structure model' chem_comp_bond                
5 5 'Structure model' database_2                    
6 5 'Structure model' diffrn_source                 
7 5 'Structure model' struct_conn                   
8 5 'Structure model' struct_site                   
9 6 'Structure model' pdbx_initial_refinement_model 
# 
loop_
_pdbx_audit_revision_item.ordinal 
_pdbx_audit_revision_item.revision_ordinal 
_pdbx_audit_revision_item.data_content_type 
_pdbx_audit_revision_item.item 
1  4 'Structure model' '_reflns_shell.number_unique_all'      
2  4 'Structure model' '_reflns_shell.percent_possible_all'   
3  4 'Structure model' '_software.classification'             
4  4 'Structure model' '_software.name'                       
5  5 'Structure model' '_database_2.pdbx_DOI'                 
6  5 'Structure model' '_database_2.pdbx_database_accession'  
7  5 'Structure model' '_diffrn_source.pdbx_synchrotron_site' 
8  5 'Structure model' '_struct_conn.pdbx_dist_value'         
9  5 'Structure model' '_struct_conn.pdbx_leaving_atom_flag'  
10 5 'Structure model' '_struct_conn.pdbx_ptnr1_label_alt_id' 
11 5 'Structure model' '_struct_conn.pdbx_ptnr2_label_alt_id' 
12 5 'Structure model' '_struct_conn.ptnr1_auth_asym_id'      
13 5 'Structure model' '_struct_conn.ptnr1_auth_comp_id'      
14 5 'Structure model' '_struct_conn.ptnr1_auth_seq_id'       
15 5 'Structure model' '_struct_conn.ptnr1_label_asym_id'     
16 5 'Structure model' '_struct_conn.ptnr1_label_comp_id'     
17 5 'Structure model' '_struct_conn.ptnr1_label_seq_id'      
18 5 'Structure model' '_struct_conn.ptnr2_auth_asym_id'      
19 5 'Structure model' '_struct_conn.ptnr2_auth_comp_id'      
20 5 'Structure model' '_struct_conn.ptnr2_auth_seq_id'       
21 5 'Structure model' '_struct_conn.ptnr2_label_asym_id'     
22 5 'Structure model' '_struct_conn.ptnr2_label_comp_id'     
23 5 'Structure model' '_struct_conn.ptnr2_label_seq_id'      
24 5 'Structure model' '_struct_site.pdbx_auth_asym_id'       
25 5 'Structure model' '_struct_site.pdbx_auth_comp_id'       
26 5 'Structure model' '_struct_site.pdbx_auth_seq_id'        
# 
_pdbx_database_status.status_code                     REL 
_pdbx_database_status.entry_id                        2H0N 
_pdbx_database_status.recvd_initial_deposition_date   2006-05-15 
_pdbx_database_status.deposit_site                    RCSB 
_pdbx_database_status.process_site                    RCSB 
_pdbx_database_status.status_code_sf                  REL 
_pdbx_database_status.status_code_mr                  ? 
_pdbx_database_status.SG_entry                        ? 
_pdbx_database_status.pdb_format_compatible           Y 
_pdbx_database_status.status_code_cs                  ? 
_pdbx_database_status.methods_development_category    ? 
_pdbx_database_status.status_code_nmr_data            ? 
# 
loop_
_audit_author.name 
_audit_author.pdbx_ordinal 
'Robeyns, K.'      1 
'Van Meervelt, L.' 2 
# 
_citation.id                        primary 
_citation.title                     'Structure of the fully modified left-handed cyclohexene nucleic acid sequence GTGTACAC.' 
_citation.journal_abbrev            J.Am.Chem.Soc. 
_citation.journal_volume            130 
_citation.page_first                1979 
_citation.page_last                 1984 
_citation.year                      2008 
_citation.journal_id_ASTM           JACSAT 
_citation.country                   US 
_citation.journal_id_ISSN           0002-7863 
_citation.journal_id_CSD            0004 
_citation.book_publisher            ? 
_citation.pdbx_database_id_PubMed   18198873 
_citation.pdbx_database_id_DOI      10.1021/ja077313f 
# 
loop_
_citation_author.citation_id 
_citation_author.name 
_citation_author.ordinal 
_citation_author.identifier_ORCID 
primary 'Robeyns, K.'      1 ? 
primary 'Herdewijn, P.'    2 ? 
primary 'Van Meervelt, L.' 3 ? 
# 
loop_
_entity.id 
_entity.type 
_entity.src_method 
_entity.pdbx_description 
_entity.formula_weight 
_entity.pdbx_number_of_molecules 
_entity.pdbx_ec 
_entity.pdbx_mutation 
_entity.pdbx_fragment 
_entity.details 
1 polymer     syn "5'-(*(XGL)P*(XTL)P*(XGL)P*(XTL)P*(XAL)P*(XCL)P*(XAL)P*(XCL)-Phosphate)-3'" 2506.921 2  ? ? ? ? 
2 non-polymer syn 'DIHYDROGENPHOSPHATE ION'                                                   96.987   2  ? ? ? ? 
3 water       nat water                                                                       18.015   62 ? ? ? ? 
# 
_entity_poly.entity_id                      1 
_entity_poly.type                           polydeoxyribonucleotide 
_entity_poly.nstd_linkage                   no 
_entity_poly.nstd_monomer                   yes 
_entity_poly.pdbx_seq_one_letter_code       '(XGL)(XTL)(XGL)(XTL)(XAL)(XCL)(XAL)(XCL)' 
_entity_poly.pdbx_seq_one_letter_code_can   GTGTACAC 
_entity_poly.pdbx_strand_id                 A,B 
_entity_poly.pdbx_target_identifier         ? 
# 
loop_
_pdbx_entity_nonpoly.entity_id 
_pdbx_entity_nonpoly.name 
_pdbx_entity_nonpoly.comp_id 
2 'DIHYDROGENPHOSPHATE ION' 2HP 
3 water                     HOH 
# 
loop_
_entity_poly_seq.entity_id 
_entity_poly_seq.num 
_entity_poly_seq.mon_id 
_entity_poly_seq.hetero 
1 1 XGL n 
1 2 XTL n 
1 3 XGL n 
1 4 XTL n 
1 5 XAL n 
1 6 XCL n 
1 7 XAL n 
1 8 XCL n 
# 
loop_
_chem_comp.id 
_chem_comp.type 
_chem_comp.mon_nstd_flag 
_chem_comp.name 
_chem_comp.pdbx_synonyms 
_chem_comp.formula 
_chem_comp.formula_weight 
2HP non-polymer   . 'DIHYDROGENPHOSPHATE ION'                                                              ? 'H2 O4 P -1'      
96.987  
HOH non-polymer   . WATER                                                                                  ? 'H2 O'            
18.015  
XAL 'DNA linking' n '[(1S,4R,6R)-6-HYDROXY-4-(ADENIN-9-YL)CYCLOHEX-2-EN-1-YL]METHYL DIHYDROGEN PHOSPHATE'  ? 'C12 H16 N5 O5 P' 
341.260 
XCL 'DNA linking' n '[(1S,4R,6R)-6-HYDROXY-4-(CYTOSIN-9-YL)CYCLOHEX-2-EN-1-YL]METHYL DIHYDROGEN PHOSPHATE' ? 'C11 H16 N3 O6 P' 
317.235 
XGL 'DNA linking' n '[(1S,4R,6R)-6-HYDROXY-4-(GUANIN-9-YL)CYCLOHEX-2-EN-1-YL]METHYL DIHYDROGEN PHOSPHATE'  ? 'C12 H16 N5 O6 P' 
357.259 
XTL 'DNA linking' n '[(1S,4R,6R)-6-HYDROXY-4-(THYMIN-9-YL)CYCLOHEX-2-EN-1-YL]METHYL DIHYDROGEN PHOSPHATE'  ? 'C12 H17 N2 O7 P' 
332.246 
# 
loop_
_pdbx_poly_seq_scheme.asym_id 
_pdbx_poly_seq_scheme.entity_id 
_pdbx_poly_seq_scheme.seq_id 
_pdbx_poly_seq_scheme.mon_id 
_pdbx_poly_seq_scheme.ndb_seq_num 
_pdbx_poly_seq_scheme.pdb_seq_num 
_pdbx_poly_seq_scheme.auth_seq_num 
_pdbx_poly_seq_scheme.pdb_mon_id 
_pdbx_poly_seq_scheme.auth_mon_id 
_pdbx_poly_seq_scheme.pdb_strand_id 
_pdbx_poly_seq_scheme.pdb_ins_code 
_pdbx_poly_seq_scheme.hetero 
A 1 1 XGL 1 1 1 XGL XGL A . n 
A 1 2 XTL 2 2 2 XTL XTL A . n 
A 1 3 XGL 3 3 3 XGL XGL A . n 
A 1 4 XTL 4 4 4 XTL XTL A . n 
A 1 5 XAL 5 5 5 XAL XAL A . n 
A 1 6 XCL 6 6 6 XCL XCL A . n 
A 1 7 XAL 7 7 7 XAL XAL A . n 
A 1 8 XCL 8 8 8 XCL XCL A . n 
B 1 1 XGL 1 1 1 XGL XGL B . n 
B 1 2 XTL 2 2 2 XTL XTL B . n 
B 1 3 XGL 3 3 3 XGL XGL B . n 
B 1 4 XTL 4 4 4 XTL XTL B . n 
B 1 5 XAL 5 5 5 XAL XAL B . n 
B 1 6 XCL 6 6 6 XCL XCL B . n 
B 1 7 XAL 7 7 7 XAL XAL B . n 
B 1 8 XCL 8 8 8 XCL XCL B . n 
# 
loop_
_pdbx_nonpoly_scheme.asym_id 
_pdbx_nonpoly_scheme.entity_id 
_pdbx_nonpoly_scheme.mon_id 
_pdbx_nonpoly_scheme.ndb_seq_num 
_pdbx_nonpoly_scheme.pdb_seq_num 
_pdbx_nonpoly_scheme.auth_seq_num 
_pdbx_nonpoly_scheme.pdb_mon_id 
_pdbx_nonpoly_scheme.auth_mon_id 
_pdbx_nonpoly_scheme.pdb_strand_id 
_pdbx_nonpoly_scheme.pdb_ins_code 
C 2 2HP 1  9  9  2HP XGL A . 
D 2 2HP 1  9  9  2HP XGL B . 
E 3 HOH 1  10 10 HOH HOH A . 
E 3 HOH 2  11 11 HOH HOH A . 
E 3 HOH 3  12 12 HOH HOH A . 
E 3 HOH 4  13 13 HOH HOH A . 
E 3 HOH 5  14 14 HOH HOH A . 
E 3 HOH 6  15 15 HOH HOH A . 
E 3 HOH 7  16 16 HOH HOH A . 
E 3 HOH 8  17 17 HOH HOH A . 
E 3 HOH 9  18 18 HOH HOH A . 
E 3 HOH 10 19 19 HOH HOH A . 
E 3 HOH 11 20 20 HOH HOH A . 
E 3 HOH 12 21 21 HOH HOH A . 
E 3 HOH 13 22 22 HOH HOH A . 
E 3 HOH 14 23 23 HOH HOH A . 
E 3 HOH 15 24 24 HOH HOH A . 
E 3 HOH 16 25 25 HOH HOH A . 
E 3 HOH 17 26 26 HOH HOH A . 
E 3 HOH 18 27 27 HOH HOH A . 
E 3 HOH 19 28 28 HOH HOH A . 
E 3 HOH 20 29 29 HOH HOH A . 
E 3 HOH 21 30 30 HOH HOH A . 
E 3 HOH 22 31 31 HOH HOH A . 
E 3 HOH 23 32 32 HOH HOH A . 
E 3 HOH 24 33 33 HOH HOH A . 
E 3 HOH 25 34 34 HOH HOH A . 
E 3 HOH 26 35 35 HOH HOH A . 
E 3 HOH 27 36 36 HOH HOH A . 
E 3 HOH 28 37 37 HOH HOH A . 
E 3 HOH 29 38 38 HOH HOH A . 
E 3 HOH 30 39 39 HOH HOH A . 
E 3 HOH 31 40 40 HOH HOH A . 
F 3 HOH 1  10 10 HOH HOH B . 
F 3 HOH 2  11 11 HOH HOH B . 
F 3 HOH 3  12 12 HOH HOH B . 
F 3 HOH 4  13 13 HOH HOH B . 
F 3 HOH 5  14 14 HOH HOH B . 
F 3 HOH 6  15 15 HOH HOH B . 
F 3 HOH 7  16 16 HOH HOH B . 
F 3 HOH 8  17 17 HOH HOH B . 
F 3 HOH 9  18 18 HOH HOH B . 
F 3 HOH 10 19 19 HOH HOH B . 
F 3 HOH 11 20 20 HOH HOH B . 
F 3 HOH 12 21 21 HOH HOH B . 
F 3 HOH 13 22 22 HOH HOH B . 
F 3 HOH 14 23 23 HOH HOH B . 
F 3 HOH 15 24 24 HOH HOH B . 
F 3 HOH 16 25 25 HOH HOH B . 
F 3 HOH 17 26 26 HOH HOH B . 
F 3 HOH 18 27 27 HOH HOH B . 
F 3 HOH 19 28 28 HOH HOH B . 
F 3 HOH 20 29 29 HOH HOH B . 
F 3 HOH 21 30 30 HOH HOH B . 
F 3 HOH 22 31 31 HOH HOH B . 
F 3 HOH 23 32 32 HOH HOH B . 
F 3 HOH 24 33 33 HOH HOH B . 
F 3 HOH 25 34 34 HOH HOH B . 
F 3 HOH 26 35 35 HOH HOH B . 
F 3 HOH 27 36 36 HOH HOH B . 
F 3 HOH 28 37 37 HOH HOH B . 
F 3 HOH 29 38 38 HOH HOH B . 
F 3 HOH 30 39 39 HOH HOH B . 
F 3 HOH 31 40 40 HOH HOH B . 
# 
loop_
_pdbx_unobs_or_zero_occ_atoms.id 
_pdbx_unobs_or_zero_occ_atoms.PDB_model_num 
_pdbx_unobs_or_zero_occ_atoms.polymer_flag 
_pdbx_unobs_or_zero_occ_atoms.occupancy_flag 
_pdbx_unobs_or_zero_occ_atoms.auth_asym_id 
_pdbx_unobs_or_zero_occ_atoms.auth_comp_id 
_pdbx_unobs_or_zero_occ_atoms.auth_seq_id 
_pdbx_unobs_or_zero_occ_atoms.PDB_ins_code 
_pdbx_unobs_or_zero_occ_atoms.auth_atom_id 
_pdbx_unobs_or_zero_occ_atoms.label_alt_id 
_pdbx_unobs_or_zero_occ_atoms.label_asym_id 
_pdbx_unobs_or_zero_occ_atoms.label_comp_id 
_pdbx_unobs_or_zero_occ_atoms.label_seq_id 
_pdbx_unobs_or_zero_occ_atoms.label_atom_id 
1 1 Y 1 A XGL 1 ? "O5'" ? A XGL 1 "O5'" 
2 1 Y 1 B XGL 1 ? "O5'" ? B XGL 1 "O5'" 
# 
loop_
_software.name 
_software.classification 
_software.version 
_software.citation_id 
_software.pdbx_ordinal 
SHELXL-97 refinement        .   ? 1 
MAR345    'data collection' 345 ? 2 
DENZO     'data reduction'  .   ? 3 
SCALEPACK 'data scaling'    .   ? 4 
PHASER    phasing           .   ? 5 
# 
_cell.entry_id           2H0N 
_cell.length_a           41.455 
_cell.length_b           41.455 
_cell.length_c           65.580 
_cell.angle_alpha        90.00 
_cell.angle_beta         90.00 
_cell.angle_gamma        120.00 
_cell.Z_PDB              36 
_cell.pdbx_unique_axis   ? 
_cell.length_a_esd       ? 
_cell.length_b_esd       ? 
_cell.length_c_esd       ? 
_cell.angle_alpha_esd    ? 
_cell.angle_beta_esd     ? 
_cell.angle_gamma_esd    ? 
# 
_symmetry.entry_id                         2H0N 
_symmetry.space_group_name_H-M             'H 3 2' 
_symmetry.pdbx_full_space_group_name_H-M   ? 
_symmetry.cell_setting                     ? 
_symmetry.Int_Tables_number                155 
_symmetry.space_group_name_Hall            ? 
# 
_exptl.entry_id          2H0N 
_exptl.method            'X-RAY DIFFRACTION' 
_exptl.crystals_number   1 
# 
_exptl_crystal.id                    1 
_exptl_crystal.density_meas          ? 
_exptl_crystal.density_Matthews      ? 
_exptl_crystal.density_percent_sol   ? 
_exptl_crystal.description           ? 
_exptl_crystal.F_000                 ? 
_exptl_crystal.preparation           ? 
# 
_exptl_crystal_grow.crystal_id      1 
_exptl_crystal_grow.method          'VAPOR DIFFUSION, HANGING DROP' 
_exptl_crystal_grow.temp            289 
_exptl_crystal_grow.temp_details    ? 
_exptl_crystal_grow.pH              7 
_exptl_crystal_grow.pdbx_details    
;CRYSTALS WERE OBTAINED FROM A SOLUTION THAT CONTAINED CACODYLATE BUFFER, LICL, SRCL2, MGCL2, SPERMINE TETRACHLORIDE, AND MPD, pH 7, VAPOR DIFFUSION, HANGING DROP, temperature 289K
;
_exptl_crystal_grow.pdbx_pH_range   . 
# 
loop_
_exptl_crystal_grow_comp.crystal_id 
_exptl_crystal_grow_comp.id 
_exptl_crystal_grow_comp.sol_id 
_exptl_crystal_grow_comp.name 
_exptl_crystal_grow_comp.volume 
_exptl_crystal_grow_comp.conc 
_exptl_crystal_grow_comp.details 
1 1  1 CACODYLATE    ? ? ? 
1 2  1 LICL          ? ? ? 
1 3  1 SRCL2         ? ? ? 
1 4  1 MGCL2         ? ? ? 
1 5  1 SPERMINE      ? ? ? 
1 6  1 TETRACHLORIDE ? ? ? 
1 7  1 MPD           ? ? ? 
1 8  1 H2O           ? ? ? 
1 9  2 CACODYLATE    ? ? ? 
1 10 2 LICL          ? ? ? 
1 11 2 SRCL2         ? ? ? 
1 12 2 MGCL2         ? ? ? 
1 13 2 MPD           ? ? ? 
# 
_diffrn.id                     1 
_diffrn.ambient_temp           100 
_diffrn.ambient_temp_details   ? 
_diffrn.crystal_id             1 
# 
_diffrn_detector.diffrn_id              1 
_diffrn_detector.detector               CCD 
_diffrn_detector.type                   'MAR CCD 165 mm' 
_diffrn_detector.pdbx_collection_date   2005-03-18 
_diffrn_detector.details                ? 
# 
_diffrn_radiation.diffrn_id                        1 
_diffrn_radiation.wavelength_id                    1 
_diffrn_radiation.pdbx_monochromatic_or_laue_m_l   M 
_diffrn_radiation.monochromator                    'triangular horizontal-focusing Si III monochromator' 
_diffrn_radiation.pdbx_diffrn_protocol             'SINGLE WAVELENGTH' 
_diffrn_radiation.pdbx_scattering_type             x-ray 
# 
_diffrn_radiation_wavelength.id           1 
_diffrn_radiation_wavelength.wavelength   0.8126 
_diffrn_radiation_wavelength.wt           1.0 
# 
_diffrn_source.diffrn_id                   1 
_diffrn_source.source                      SYNCHROTRON 
_diffrn_source.type                        'EMBL/DESY, HAMBURG BEAMLINE X11' 
_diffrn_source.pdbx_synchrotron_site       'EMBL/DESY, HAMBURG' 
_diffrn_source.pdbx_synchrotron_beamline   X11 
_diffrn_source.pdbx_wavelength             ? 
_diffrn_source.pdbx_wavelength_list        0.8126 
# 
_reflns.entry_id                     2H0N 
_reflns.observed_criterion_sigma_I   0 
_reflns.observed_criterion_sigma_F   0 
_reflns.d_resolution_low             20 
_reflns.d_resolution_high            1.53 
_reflns.number_obs                   3396 
_reflns.number_all                   3416 
_reflns.percent_possible_obs         98.6 
_reflns.pdbx_Rmerge_I_obs            0.108 
_reflns.pdbx_Rsym_value              ? 
_reflns.pdbx_netI_over_sigmaI        9.800 
_reflns.B_iso_Wilson_estimate        11.5667 
_reflns.pdbx_redundancy              15.0 
_reflns.R_free_details               ? 
_reflns.pdbx_chi_squared             ? 
_reflns.pdbx_scaling_rejects         ? 
_reflns.pdbx_diffrn_id               1 
_reflns.pdbx_ordinal                 1 
# 
_reflns_shell.d_res_high             1.53 
_reflns_shell.d_res_low              1.58 
_reflns_shell.percent_possible_all   ? 
_reflns_shell.Rmerge_I_obs           0.376 
_reflns_shell.pdbx_Rsym_value        ? 
_reflns_shell.meanI_over_sigI_obs    5.58 
_reflns_shell.pdbx_redundancy        ? 
_reflns_shell.percent_possible_obs   ? 
_reflns_shell.number_unique_all      333 
_reflns_shell.number_measured_all    ? 
_reflns_shell.number_measured_obs    ? 
_reflns_shell.number_unique_obs      ? 
_reflns_shell.pdbx_chi_squared       ? 
_reflns_shell.pdbx_diffrn_id         ? 
_reflns_shell.pdbx_ordinal           1 
# 
_refine.entry_id                                 2H0N 
_refine.ls_number_reflns_obs                     3396 
_refine.ls_number_reflns_all                     3396 
_refine.pdbx_ls_sigma_I                          0.0 
_refine.pdbx_ls_sigma_F                          0.0 
_refine.pdbx_data_cutoff_high_absF               ? 
_refine.pdbx_data_cutoff_low_absF                ? 
_refine.pdbx_data_cutoff_high_rms_absF           ? 
_refine.ls_d_res_low                             20.00 
_refine.ls_d_res_high                            1.53 
_refine.ls_percent_reflns_obs                    98.5 
_refine.ls_R_factor_obs                          0.2004 
_refine.ls_R_factor_all                          0.2004 
_refine.ls_R_factor_R_work                       0.1581 
_refine.ls_R_factor_R_free                       ? 
_refine.ls_R_factor_R_free_error                 ? 
_refine.ls_R_factor_R_free_error_details         ? 
_refine.ls_percent_reflns_R_free                 ? 
_refine.ls_number_reflns_R_free                  ? 
_refine.ls_number_parameters                     1620 
_refine.ls_number_restraints                     1514 
_refine.occupancy_min                            ? 
_refine.occupancy_max                            ? 
_refine.correlation_coeff_Fo_to_Fc               ? 
_refine.correlation_coeff_Fo_to_Fc_free          ? 
_refine.B_iso_mean                               20.210 
_refine.aniso_B[1][1]                            ? 
_refine.aniso_B[2][2]                            ? 
_refine.aniso_B[3][3]                            ? 
_refine.aniso_B[1][2]                            ? 
_refine.aniso_B[1][3]                            ? 
_refine.aniso_B[2][3]                            ? 
_refine.solvent_model_details                    ? 
_refine.solvent_model_param_ksol                 ? 
_refine.solvent_model_param_bsol                 ? 
_refine.pdbx_solvent_vdw_probe_radii             ? 
_refine.pdbx_solvent_ion_probe_radii             ? 
_refine.pdbx_solvent_shrinkage_radii             ? 
_refine.pdbx_ls_cross_valid_method               ? 
_refine.details                                  'CHAIN A AND B ARE REFINED AS BEING STATICALLY DISORDERED' 
_refine.pdbx_starting_model                      '1.60A P 32 1 2 STRUCTURE OF H(GTGTACAC) (NDB CODE HD0001) WAS USED AS MODEL' 
_refine.pdbx_method_to_determine_struct          'MOLECULAR REPLACEMENT' 
_refine.pdbx_isotropic_thermal_model             Isotropic 
_refine.pdbx_stereochemistry_target_values       'Engh & Huber' 
_refine.pdbx_stereochem_target_val_spec_case     
'ALL OTHER CHEMICALLY EQUIVALENT BOND DISTANCES AND ANGLES WERE RESTRAINED TO BE SIMILAR BY SAME DISTANCE RESTRAINTS' 
_refine.pdbx_R_Free_selection_details            ? 
_refine.pdbx_overall_ESU_R                       ? 
_refine.pdbx_overall_ESU_R_Free                  ? 
_refine.overall_SU_ML                            ? 
_refine.overall_SU_B                             ? 
_refine.ls_redundancy_reflns_obs                 ? 
_refine.overall_SU_R_Cruickshank_DPI             ? 
_refine.overall_SU_R_free                        ? 
_refine.ls_wR_factor_R_free                      ? 
_refine.ls_wR_factor_R_work                      ? 
_refine.overall_FOM_free_R_set                   ? 
_refine.overall_FOM_work_R_set                   ? 
_refine.pdbx_overall_phase_error                 ? 
_refine.pdbx_refine_id                           'X-RAY DIFFRACTION' 
_refine.pdbx_diffrn_id                           1 
_refine.pdbx_TLS_residual_ADP_flag               ? 
_refine.pdbx_overall_SU_R_free_Cruickshank_DPI   ? 
_refine.pdbx_overall_SU_R_Blow_DPI               ? 
_refine.pdbx_overall_SU_R_free_Blow_DPI          ? 
# 
_refine_analyze.entry_id                        2H0N 
_refine_analyze.Luzzati_coordinate_error_obs    ? 
_refine_analyze.Luzzati_sigma_a_obs             ? 
_refine_analyze.Luzzati_d_res_low_obs           ? 
_refine_analyze.Luzzati_coordinate_error_free   ? 
_refine_analyze.Luzzati_sigma_a_free            ? 
_refine_analyze.Luzzati_d_res_low_free          ? 
_refine_analyze.number_disordered_residues      80 
_refine_analyze.occupancy_sum_hydrogen          .00 
_refine_analyze.occupancy_sum_non_hydrogen      201.67 
_refine_analyze.pdbx_refine_id                  'X-RAY DIFFRACTION' 
# 
_refine_hist.pdbx_refine_id                   'X-RAY DIFFRACTION' 
_refine_hist.cycle_id                         LAST 
_refine_hist.pdbx_number_atoms_protein        0 
_refine_hist.pdbx_number_atoms_nucleic_acid   336 
_refine_hist.pdbx_number_atoms_ligand         8 
_refine_hist.number_atoms_solvent             62 
_refine_hist.number_atoms_total               406 
_refine_hist.d_res_high                       1.53 
_refine_hist.d_res_low                        20.00 
# 
loop_
_refine_ls_restr.type 
_refine_ls_restr.dev_ideal 
_refine_ls_restr.dev_ideal_target 
_refine_ls_restr.weight 
_refine_ls_restr.number 
_refine_ls_restr.pdbx_refine_id 
_refine_ls_restr.pdbx_restraint_function 
s_bond_d              0.019 ? ? ? 'X-RAY DIFFRACTION' ? 
s_angle_d             0.025 ? ? ? 'X-RAY DIFFRACTION' ? 
s_from_restr_planes   0.001 ? ? ? 'X-RAY DIFFRACTION' ? 
s_anti_bump_dis_restr 0.005 ? ? ? 'X-RAY DIFFRACTION' ? 
# 
_refine_ls_shell.pdbx_total_number_of_bins_used   ? 
_refine_ls_shell.d_res_high                       1.53 
_refine_ls_shell.d_res_low                        1.58 
_refine_ls_shell.number_reflns_R_work             ? 
_refine_ls_shell.R_factor_R_work                  0.412 
_refine_ls_shell.percent_reflns_obs               99.7 
_refine_ls_shell.R_factor_R_free                  0. 
_refine_ls_shell.R_factor_R_free_error            0 
_refine_ls_shell.percent_reflns_R_free            ? 
_refine_ls_shell.number_reflns_R_free             0 
_refine_ls_shell.number_reflns_all                ? 
_refine_ls_shell.R_factor_all                     ? 
_refine_ls_shell.number_reflns_obs                333 
_refine_ls_shell.redundancy_reflns_obs            ? 
_refine_ls_shell.pdbx_refine_id                   'X-RAY DIFFRACTION' 
# 
_pdbx_refine.entry_id                                    2H0N 
_pdbx_refine.R_factor_all_no_cutoff                      0.2004 
_pdbx_refine.R_factor_obs_no_cutoff                      0.2004 
_pdbx_refine.free_R_factor_no_cutoff                     ? 
_pdbx_refine.free_R_val_test_set_size_perc_no_cutoff     ? 
_pdbx_refine.free_R_val_test_set_ct_no_cutoff            ? 
_pdbx_refine.R_factor_all_4sig_cutoff                    0.1581 
_pdbx_refine.R_factor_obs_4sig_cutoff                    0.1581 
_pdbx_refine.free_R_factor_4sig_cutoff                   ? 
_pdbx_refine.free_R_val_test_set_size_perc_4sig_cutoff   ? 
_pdbx_refine.free_R_val_test_set_ct_4sig_cutoff          ? 
_pdbx_refine.number_reflns_obs_4sig_cutoff               1694 
_pdbx_refine.pdbx_refine_id                              'X-RAY DIFFRACTION' 
_pdbx_refine.free_R_error_no_cutoff                      ? 
# 
_struct.entry_id                  2H0N 
_struct.title                     'Structure of the fully modified left-handed cyclohexene nucleic acid sequence GTGTACAC' 
_struct.pdbx_model_details        ? 
_struct.pdbx_CASP_flag            ? 
_struct.pdbx_model_type_details   ? 
# 
_struct_keywords.entry_id        2H0N 
_struct_keywords.pdbx_keywords   DNA 
_struct_keywords.text            'CYCLOHEXENE NUCLEIC ACID, DNA ANALOGUE, LEFT-HANDED, DOUBLE HELIX, DNA' 
# 
loop_
_struct_asym.id 
_struct_asym.pdbx_blank_PDB_chainid_flag 
_struct_asym.pdbx_modified 
_struct_asym.entity_id 
_struct_asym.details 
A N N 1 ? 
B N N 1 ? 
C N N 2 ? 
D N N 2 ? 
E N N 3 ? 
F N N 3 ? 
# 
_struct_ref.id                         1 
_struct_ref.entity_id                  1 
_struct_ref.db_name                    PDB 
_struct_ref.db_code                    2H0N 
_struct_ref.pdbx_db_accession          2H0N 
_struct_ref.pdbx_db_isoform            ? 
_struct_ref.pdbx_seq_one_letter_code   ? 
_struct_ref.pdbx_align_begin           ? 
# 
loop_
_struct_ref_seq.align_id 
_struct_ref_seq.ref_id 
_struct_ref_seq.pdbx_PDB_id_code 
_struct_ref_seq.pdbx_strand_id 
_struct_ref_seq.seq_align_beg 
_struct_ref_seq.pdbx_seq_align_beg_ins_code 
_struct_ref_seq.seq_align_end 
_struct_ref_seq.pdbx_seq_align_end_ins_code 
_struct_ref_seq.pdbx_db_accession 
_struct_ref_seq.db_align_beg 
_struct_ref_seq.pdbx_db_align_beg_ins_code 
_struct_ref_seq.db_align_end 
_struct_ref_seq.pdbx_db_align_end_ins_code 
_struct_ref_seq.pdbx_auth_seq_align_beg 
_struct_ref_seq.pdbx_auth_seq_align_end 
1 1 2H0N A 1 ? 8 ? 2H0N 1 ? 8 ? 1 8 
2 1 2H0N B 1 ? 8 ? 2H0N 1 ? 8 ? 1 8 
# 
loop_
_pdbx_struct_assembly.id 
_pdbx_struct_assembly.details 
_pdbx_struct_assembly.method_details 
_pdbx_struct_assembly.oligomeric_details 
_pdbx_struct_assembly.oligomeric_count 
1 author_defined_assembly ? dimeric 2 
2 author_defined_assembly ? dimeric 2 
# 
loop_
_pdbx_struct_assembly_gen.assembly_id 
_pdbx_struct_assembly_gen.oper_expression 
_pdbx_struct_assembly_gen.asym_id_list 
1 1,2 A,C,E 
2 1,3 B,D,F 
# 
loop_
_pdbx_struct_oper_list.id 
_pdbx_struct_oper_list.type 
_pdbx_struct_oper_list.name 
_pdbx_struct_oper_list.symmetry_operation 
_pdbx_struct_oper_list.matrix[1][1] 
_pdbx_struct_oper_list.matrix[1][2] 
_pdbx_struct_oper_list.matrix[1][3] 
_pdbx_struct_oper_list.vector[1] 
_pdbx_struct_oper_list.matrix[2][1] 
_pdbx_struct_oper_list.matrix[2][2] 
_pdbx_struct_oper_list.matrix[2][3] 
_pdbx_struct_oper_list.vector[2] 
_pdbx_struct_oper_list.matrix[3][1] 
_pdbx_struct_oper_list.matrix[3][2] 
_pdbx_struct_oper_list.matrix[3][3] 
_pdbx_struct_oper_list.vector[3] 
1 'identity operation'         1_555  x,y,z                 1.0000000000  0.0000000000  0.0000000000 0.0000000000  0.0000000000  1.0000000000  0.0000000000  0.0000000000  0.0000000000 0.0000000000  1.0000000000  0.0000000000  
2 'crystal symmetry operation' 16_545 y+1/3,x-1/3,-z+2/3    0.9161269069  -0.3976425162 0.0509109004 0.8953978135  -0.3976425162 -0.9174795938 -0.0105652389 5.7427736314  0.0509109004 -0.0105652389 -0.9986473131 11.1542932777 
3 'crystal symmetry operation' 11_445 x-y-1/3,-y-2/3,-z+1/3 -0.7158340584 -0.4144211792 0.5619934937 -7.5762873084 -0.4144211792 -0.3956175296 -0.8195985948 -9.6735625405 0.5619934937 -0.8195985948 0.1114515880  -3.3025406864 
# 
loop_
_struct_biol.id 
_struct_biol.details 
1 ? 
2 ? 
# 
loop_
_struct_conn.id 
_struct_conn.conn_type_id 
_struct_conn.pdbx_leaving_atom_flag 
_struct_conn.pdbx_PDB_id 
_struct_conn.ptnr1_label_asym_id 
_struct_conn.ptnr1_label_comp_id 
_struct_conn.ptnr1_label_seq_id 
_struct_conn.ptnr1_label_atom_id 
_struct_conn.pdbx_ptnr1_label_alt_id 
_struct_conn.pdbx_ptnr1_PDB_ins_code 
_struct_conn.pdbx_ptnr1_standard_comp_id 
_struct_conn.ptnr1_symmetry 
_struct_conn.ptnr2_label_asym_id 
_struct_conn.ptnr2_label_comp_id 
_struct_conn.ptnr2_label_seq_id 
_struct_conn.ptnr2_label_atom_id 
_struct_conn.pdbx_ptnr2_label_alt_id 
_struct_conn.pdbx_ptnr2_PDB_ins_code 
_struct_conn.ptnr1_auth_asym_id 
_struct_conn.ptnr1_auth_comp_id 
_struct_conn.ptnr1_auth_seq_id 
_struct_conn.ptnr2_auth_asym_id 
_struct_conn.ptnr2_auth_comp_id 
_struct_conn.ptnr2_auth_seq_id 
_struct_conn.ptnr2_symmetry 
_struct_conn.pdbx_ptnr3_label_atom_id 
_struct_conn.pdbx_ptnr3_label_seq_id 
_struct_conn.pdbx_ptnr3_label_comp_id 
_struct_conn.pdbx_ptnr3_label_asym_id 
_struct_conn.pdbx_ptnr3_label_alt_id 
_struct_conn.pdbx_ptnr3_PDB_ins_code 
_struct_conn.details 
_struct_conn.pdbx_dist_value 
_struct_conn.pdbx_value_order 
_struct_conn.pdbx_role 
covale1  covale both ? A XGL 1 "O3'" A ? ? 1_555 A XTL 2 P A ? A XGL 1 A XTL 2 1_555 ? ? ? ? ? ? ? 1.603 ? ? 
covale2  covale both ? A XTL 2 "O3'" A ? ? 1_555 A XGL 3 P A ? A XTL 2 A XGL 3 1_555 ? ? ? ? ? ? ? 1.599 ? ? 
covale3  covale both ? A XGL 3 "O3'" A ? ? 1_555 A XTL 4 P A ? A XGL 3 A XTL 4 1_555 ? ? ? ? ? ? ? 1.593 ? ? 
covale4  covale both ? A XTL 4 "O3'" A ? ? 1_555 A XAL 5 P A ? A XTL 4 A XAL 5 1_555 ? ? ? ? ? ? ? 1.624 ? ? 
covale5  covale both ? A XAL 5 "O3'" A ? ? 1_555 A XCL 6 P A ? A XAL 5 A XCL 6 1_555 ? ? ? ? ? ? ? 1.593 ? ? 
covale6  covale both ? A XCL 6 "O3'" A ? ? 1_555 A XAL 7 P A ? A XCL 6 A XAL 7 1_555 ? ? ? ? ? ? ? 1.597 ? ? 
covale7  covale both ? A XAL 7 "O3'" A ? ? 1_555 A XCL 8 P A ? A XAL 7 A XCL 8 1_555 ? ? ? ? ? ? ? 1.614 ? ? 
covale8  covale one  ? A XCL 8 "O3'" A ? ? 1_555 C 2HP . P A ? A XCL 8 A 2HP 9 1_555 ? ? ? ? ? ? ? 1.609 ? ? 
covale9  covale both ? B XGL 1 "O3'" B ? ? 1_555 B XTL 2 P B ? B XGL 1 B XTL 2 1_555 ? ? ? ? ? ? ? 1.623 ? ? 
covale10 covale both ? B XTL 2 "O3'" B ? ? 1_555 B XGL 3 P B ? B XTL 2 B XGL 3 1_555 ? ? ? ? ? ? ? 1.604 ? ? 
covale11 covale both ? B XGL 3 "O3'" B ? ? 1_555 B XTL 4 P B ? B XGL 3 B XTL 4 1_555 ? ? ? ? ? ? ? 1.578 ? ? 
covale12 covale both ? B XTL 4 "O3'" B ? ? 1_555 B XAL 5 P B ? B XTL 4 B XAL 5 1_555 ? ? ? ? ? ? ? 1.627 ? ? 
covale13 covale both ? B XAL 5 "O3'" B ? ? 1_555 B XCL 6 P B ? B XAL 5 B XCL 6 1_555 ? ? ? ? ? ? ? 1.600 ? ? 
covale14 covale both ? B XCL 6 "O3'" B ? ? 1_555 B XAL 7 P B ? B XCL 6 B XAL 7 1_555 ? ? ? ? ? ? ? 1.589 ? ? 
covale15 covale both ? B XAL 7 "O3'" B ? ? 1_555 B XCL 8 P B ? B XAL 7 B XCL 8 1_555 ? ? ? ? ? ? ? 1.591 ? ? 
covale16 covale one  ? B XCL 8 "O3'" B ? ? 1_555 D 2HP . P B ? B XCL 8 B 2HP 9 1_555 ? ? ? ? ? ? ? 1.607 ? ? 
# 
_struct_conn_type.id          covale 
_struct_conn_type.criteria    ? 
_struct_conn_type.reference   ? 
# 
loop_
_struct_site.id 
_struct_site.pdbx_evidence_code 
_struct_site.pdbx_auth_asym_id 
_struct_site.pdbx_auth_comp_id 
_struct_site.pdbx_auth_seq_id 
_struct_site.pdbx_auth_ins_code 
_struct_site.pdbx_num_residues 
_struct_site.details 
AC1 Software A 2HP 9 ? 7 'BINDING SITE FOR RESIDUE 2HP A 9' 
AC2 Software B 2HP 9 ? 7 'BINDING SITE FOR RESIDUE 2HP B 9' 
# 
loop_
_struct_site_gen.id 
_struct_site_gen.site_id 
_struct_site_gen.pdbx_num_res 
_struct_site_gen.label_comp_id 
_struct_site_gen.label_asym_id 
_struct_site_gen.label_seq_id 
_struct_site_gen.pdbx_auth_ins_code 
_struct_site_gen.auth_comp_id 
_struct_site_gen.auth_asym_id 
_struct_site_gen.auth_seq_id 
_struct_site_gen.label_atom_id 
_struct_site_gen.label_alt_id 
_struct_site_gen.symmetry 
_struct_site_gen.details 
1  AC1 7 XGL A 1 ? XGL A 1  . ? 8_445  ? 
2  AC1 7 XCL A 8 ? XCL A 8  . ? 1_555  ? 
3  AC1 7 HOH E . ? HOH A 17 . ? 1_555  ? 
4  AC1 7 XTL B 4 ? XTL B 4  . ? 16_545 ? 
5  AC1 7 XAL B 5 ? XAL B 5  . ? 16_545 ? 
6  AC1 7 HOH F . ? HOH B 21 . ? 16_545 ? 
7  AC1 7 HOH F . ? HOH B 39 . ? 16_545 ? 
8  AC2 7 XTL A 4 ? XTL A 4  . ? 11_445 ? 
9  AC2 7 XAL A 5 ? XAL A 5  . ? 11_445 ? 
10 AC2 7 HOH E . ? HOH A 21 . ? 11_445 ? 
11 AC2 7 HOH E . ? HOH A 39 . ? 11_445 ? 
12 AC2 7 XGL B 1 ? XGL B 1  . ? 15_544 ? 
13 AC2 7 XCL B 8 ? XCL B 8  . ? 1_555  ? 
14 AC2 7 HOH F . ? HOH B 17 . ? 1_555  ? 
# 
_pdbx_validate_rmsd_angle.id                         1 
_pdbx_validate_rmsd_angle.PDB_model_num              1 
_pdbx_validate_rmsd_angle.auth_atom_id_1             "C3'" 
_pdbx_validate_rmsd_angle.auth_asym_id_1             A 
_pdbx_validate_rmsd_angle.auth_comp_id_1             XAL 
_pdbx_validate_rmsd_angle.auth_seq_id_1              5 
_pdbx_validate_rmsd_angle.PDB_ins_code_1             ? 
_pdbx_validate_rmsd_angle.label_alt_id_1             A 
_pdbx_validate_rmsd_angle.auth_atom_id_2             "O3'" 
_pdbx_validate_rmsd_angle.auth_asym_id_2             A 
_pdbx_validate_rmsd_angle.auth_comp_id_2             XAL 
_pdbx_validate_rmsd_angle.auth_seq_id_2              5 
_pdbx_validate_rmsd_angle.PDB_ins_code_2             ? 
_pdbx_validate_rmsd_angle.label_alt_id_2             A 
_pdbx_validate_rmsd_angle.auth_atom_id_3             P 
_pdbx_validate_rmsd_angle.auth_asym_id_3             A 
_pdbx_validate_rmsd_angle.auth_comp_id_3             XCL 
_pdbx_validate_rmsd_angle.auth_seq_id_3              6 
_pdbx_validate_rmsd_angle.PDB_ins_code_3             ? 
_pdbx_validate_rmsd_angle.label_alt_id_3             A 
_pdbx_validate_rmsd_angle.angle_value                127.76 
_pdbx_validate_rmsd_angle.angle_target_value         119.70 
_pdbx_validate_rmsd_angle.angle_deviation            8.06 
_pdbx_validate_rmsd_angle.angle_standard_deviation   1.20 
_pdbx_validate_rmsd_angle.linker_flag                Y 
# 
loop_
_pdbx_struct_mod_residue.id 
_pdbx_struct_mod_residue.label_asym_id 
_pdbx_struct_mod_residue.label_comp_id 
_pdbx_struct_mod_residue.label_seq_id 
_pdbx_struct_mod_residue.auth_asym_id 
_pdbx_struct_mod_residue.auth_comp_id 
_pdbx_struct_mod_residue.auth_seq_id 
_pdbx_struct_mod_residue.PDB_ins_code 
_pdbx_struct_mod_residue.parent_comp_id 
_pdbx_struct_mod_residue.details 
1  A XGL 1 A XGL 1 ? DG ? 
2  A XTL 2 A XTL 2 ? DT ? 
3  A XGL 3 A XGL 3 ? DG ? 
4  A XTL 4 A XTL 4 ? DT ? 
5  A XAL 5 A XAL 5 ? DA ? 
6  A XCL 6 A XCL 6 ? DC ? 
7  A XAL 7 A XAL 7 ? DA ? 
8  A XCL 8 A XCL 8 ? DC ? 
9  B XGL 1 B XGL 1 ? DG ? 
10 B XTL 2 B XTL 2 ? DT ? 
11 B XGL 3 B XGL 3 ? DG ? 
12 B XTL 4 B XTL 4 ? DT ? 
13 B XAL 5 B XAL 5 ? DA ? 
14 B XCL 6 B XCL 6 ? DC ? 
15 B XAL 7 B XAL 7 ? DA ? 
16 B XCL 8 B XCL 8 ? DC ? 
# 
loop_
_pdbx_struct_special_symmetry.id 
_pdbx_struct_special_symmetry.PDB_model_num 
_pdbx_struct_special_symmetry.auth_asym_id 
_pdbx_struct_special_symmetry.auth_comp_id 
_pdbx_struct_special_symmetry.auth_seq_id 
_pdbx_struct_special_symmetry.PDB_ins_code 
_pdbx_struct_special_symmetry.label_asym_id 
_pdbx_struct_special_symmetry.label_comp_id 
_pdbx_struct_special_symmetry.label_seq_id 
1 1 A HOH 10 ? E HOH . 
2 1 A HOH 11 ? E HOH . 
3 1 B HOH 10 ? F HOH . 
4 1 B HOH 11 ? F HOH . 
# 
loop_
_chem_comp_atom.comp_id 
_chem_comp_atom.atom_id 
_chem_comp_atom.type_symbol 
_chem_comp_atom.pdbx_aromatic_flag 
_chem_comp_atom.pdbx_stereo_config 
_chem_comp_atom.pdbx_ordinal 
2HP P      P N N 1   
2HP O1     O N N 2   
2HP O2     O N N 3   
2HP O3     O N N 4   
2HP O4     O N N 5   
2HP HO3    H N N 6   
2HP HO4    H N N 7   
HOH O      O N N 8   
HOH H1     H N N 9   
HOH H2     H N N 10  
XAL P      P N N 11  
XAL OP1    O N N 12  
XAL OP2    O N N 13  
XAL "O5'"  O N N 14  
XAL "C5'"  C N N 15  
XAL "C4'"  C N S 16  
XAL "C6'"  C N N 17  
XAL "C7'"  C N N 18  
XAL "C3'"  C N R 19  
XAL "O3'"  O N N 20  
XAL "C2'"  C N N 21  
XAL "C1'"  C N R 22  
XAL N9     N Y N 23  
XAL C8     C Y N 24  
XAL N7     N Y N 25  
XAL C6     C Y N 26  
XAL N6     N N N 27  
XAL C5     C Y N 28  
XAL C4     C Y N 29  
XAL N3     N Y N 30  
XAL C2     C Y N 31  
XAL N1     N Y N 32  
XAL OP3    O N N 33  
XAL HOP2   H N N 34  
XAL "H5'"  H N N 35  
XAL "H5''" H N N 36  
XAL "H4'"  H N N 37  
XAL "H6'"  H N N 38  
XAL "H7'"  H N N 39  
XAL "H3'"  H N N 40  
XAL "HO3'" H N N 41  
XAL "H2'"  H N N 42  
XAL "H2''" H N N 43  
XAL "H1'"  H N N 44  
XAL H8     H N N 45  
XAL HN61   H N N 46  
XAL HN62   H N N 47  
XAL H2     H N N 48  
XAL HOP3   H N N 49  
XCL P      P N N 50  
XCL OP1    O N N 51  
XCL OP2    O N N 52  
XCL "O5'"  O N N 53  
XCL "C5'"  C N N 54  
XCL "C4'"  C N S 55  
XCL "C6'"  C N N 56  
XCL "C7'"  C N N 57  
XCL "C3'"  C N R 58  
XCL "O3'"  O N N 59  
XCL "C2'"  C N N 60  
XCL "C1'"  C N R 61  
XCL C6     C N N 62  
XCL C5     C N N 63  
XCL C4     C N N 64  
XCL N4     N N N 65  
XCL N3     N N N 66  
XCL C2     C N N 67  
XCL O2     O N N 68  
XCL N1     N N N 69  
XCL OP3    O N N 70  
XCL HOP2   H N N 71  
XCL "H5'"  H N N 72  
XCL "H5''" H N N 73  
XCL "H4'"  H N N 74  
XCL "H6'"  H N N 75  
XCL "H7'"  H N N 76  
XCL "H3'"  H N N 77  
XCL "HO3'" H N N 78  
XCL "H2'"  H N N 79  
XCL "H2''" H N N 80  
XCL "H1'"  H N N 81  
XCL H6     H N N 82  
XCL H5     H N N 83  
XCL HN41   H N N 84  
XCL HN42   H N N 85  
XCL HOP3   H N N 86  
XGL P      P N N 87  
XGL OP1    O N N 88  
XGL OP2    O N N 89  
XGL "O5'"  O N N 90  
XGL "C5'"  C N N 91  
XGL "C4'"  C N S 92  
XGL "C6'"  C N N 93  
XGL "C7'"  C N N 94  
XGL "C3'"  C N R 95  
XGL "O3'"  O N N 96  
XGL "C2'"  C N N 97  
XGL "C1'"  C N R 98  
XGL N9     N Y N 99  
XGL C8     C Y N 100 
XGL N7     N Y N 101 
XGL C6     C N N 102 
XGL O6     O N N 103 
XGL C5     C Y N 104 
XGL C4     C Y N 105 
XGL N3     N N N 106 
XGL C2     C N N 107 
XGL N2     N N N 108 
XGL N1     N N N 109 
XGL OP3    O N N 110 
XGL HOP2   H N N 111 
XGL "H5'"  H N N 112 
XGL "H5''" H N N 113 
XGL "H4'"  H N N 114 
XGL "H6'"  H N N 115 
XGL "H7'"  H N N 116 
XGL "H3'"  H N N 117 
XGL "HO3'" H N N 118 
XGL "H2'"  H N N 119 
XGL "H2''" H N N 120 
XGL "H1'"  H N N 121 
XGL H8     H N N 122 
XGL HN21   H N N 123 
XGL HN22   H N N 124 
XGL HN1    H N N 125 
XGL HOP3   H N N 126 
XTL P      P N N 127 
XTL OP1    O N N 128 
XTL OP2    O N N 129 
XTL "O5'"  O N N 130 
XTL "C5'"  C N N 131 
XTL "C4'"  C N S 132 
XTL "C6'"  C N N 133 
XTL "C7'"  C N N 134 
XTL "C3'"  C N R 135 
XTL "O3'"  O N N 136 
XTL "C2'"  C N N 137 
XTL "C1'"  C N R 138 
XTL C6     C N N 139 
XTL C5     C N N 140 
XTL C5M    C N N 141 
XTL C4     C N N 142 
XTL O4     O N N 143 
XTL N3     N N N 144 
XTL C2     C N N 145 
XTL O2     O N N 146 
XTL N1     N N N 147 
XTL OP3    O N N 148 
XTL HOP2   H N N 149 
XTL "H5'"  H N N 150 
XTL "H5''" H N N 151 
XTL "H4'"  H N N 152 
XTL "H6'"  H N N 153 
XTL "H7'"  H N N 154 
XTL "H3'"  H N N 155 
XTL "HO3'" H N N 156 
XTL "H2'"  H N N 157 
XTL "H2''" H N N 158 
XTL "H1'"  H N N 159 
XTL H6     H N N 160 
XTL H71    H N N 161 
XTL H72    H N N 162 
XTL H73    H N N 163 
XTL HN3    H N N 164 
XTL HOP3   H N N 165 
# 
loop_
_chem_comp_bond.comp_id 
_chem_comp_bond.atom_id_1 
_chem_comp_bond.atom_id_2 
_chem_comp_bond.value_order 
_chem_comp_bond.pdbx_aromatic_flag 
_chem_comp_bond.pdbx_stereo_config 
_chem_comp_bond.pdbx_ordinal 
2HP P     O1     doub N N 1   
2HP P     O2     sing N N 2   
2HP P     O3     sing N N 3   
2HP P     O4     sing N N 4   
2HP O3    HO3    sing N N 5   
2HP O4    HO4    sing N N 6   
HOH O     H1     sing N N 7   
HOH O     H2     sing N N 8   
XAL P     OP1    doub N N 9   
XAL P     OP2    sing N N 10  
XAL P     "O5'"  sing N N 11  
XAL P     OP3    sing N N 12  
XAL OP2   HOP2   sing N N 13  
XAL "O5'" "C5'"  sing N N 14  
XAL "C5'" "C4'"  sing N N 15  
XAL "C5'" "H5'"  sing N N 16  
XAL "C5'" "H5''" sing N N 17  
XAL "C4'" "C6'"  sing N N 18  
XAL "C4'" "C3'"  sing N N 19  
XAL "C4'" "H4'"  sing N N 20  
XAL "C6'" "C7'"  doub N N 21  
XAL "C6'" "H6'"  sing N N 22  
XAL "C7'" "C1'"  sing N N 23  
XAL "C7'" "H7'"  sing N N 24  
XAL "C3'" "O3'"  sing N N 25  
XAL "C3'" "C2'"  sing N N 26  
XAL "C3'" "H3'"  sing N N 27  
XAL "O3'" "HO3'" sing N N 28  
XAL "C2'" "C1'"  sing N N 29  
XAL "C2'" "H2'"  sing N N 30  
XAL "C2'" "H2''" sing N N 31  
XAL "C1'" N9     sing N N 32  
XAL "C1'" "H1'"  sing N N 33  
XAL N9    C8     sing Y N 34  
XAL N9    C4     sing Y N 35  
XAL C8    N7     doub Y N 36  
XAL C8    H8     sing N N 37  
XAL N7    C5     sing Y N 38  
XAL C6    N6     sing N N 39  
XAL C6    C5     sing Y N 40  
XAL C6    N1     doub Y N 41  
XAL N6    HN61   sing N N 42  
XAL N6    HN62   sing N N 43  
XAL C5    C4     doub Y N 44  
XAL C4    N3     sing Y N 45  
XAL N3    C2     doub Y N 46  
XAL C2    N1     sing Y N 47  
XAL C2    H2     sing N N 48  
XAL OP3   HOP3   sing N N 49  
XCL P     OP1    doub N N 50  
XCL P     OP2    sing N N 51  
XCL P     "O5'"  sing N N 52  
XCL P     OP3    sing N N 53  
XCL OP2   HOP2   sing N N 54  
XCL "O5'" "C5'"  sing N N 55  
XCL "C5'" "C4'"  sing N N 56  
XCL "C5'" "H5'"  sing N N 57  
XCL "C5'" "H5''" sing N N 58  
XCL "C4'" "C6'"  sing N N 59  
XCL "C4'" "C3'"  sing N N 60  
XCL "C4'" "H4'"  sing N N 61  
XCL "C6'" "C7'"  doub N N 62  
XCL "C6'" "H6'"  sing N N 63  
XCL "C7'" "C1'"  sing N N 64  
XCL "C7'" "H7'"  sing N N 65  
XCL "C3'" "O3'"  sing N N 66  
XCL "C3'" "C2'"  sing N N 67  
XCL "C3'" "H3'"  sing N N 68  
XCL "O3'" "HO3'" sing N N 69  
XCL "C2'" "C1'"  sing N N 70  
XCL "C2'" "H2'"  sing N N 71  
XCL "C2'" "H2''" sing N N 72  
XCL "C1'" N1     sing N N 73  
XCL "C1'" "H1'"  sing N N 74  
XCL C6    C5     doub N N 75  
XCL C6    N1     sing N N 76  
XCL C6    H6     sing N N 77  
XCL C5    C4     sing N N 78  
XCL C5    H5     sing N N 79  
XCL C4    N4     sing N N 80  
XCL C4    N3     doub N N 81  
XCL N4    HN41   sing N N 82  
XCL N4    HN42   sing N N 83  
XCL N3    C2     sing N N 84  
XCL C2    O2     doub N N 85  
XCL C2    N1     sing N N 86  
XCL OP3   HOP3   sing N N 87  
XGL P     OP1    doub N N 88  
XGL P     OP2    sing N N 89  
XGL P     "O5'"  sing N N 90  
XGL P     OP3    sing N N 91  
XGL OP2   HOP2   sing N N 92  
XGL "O5'" "C5'"  sing N N 93  
XGL "C5'" "C4'"  sing N N 94  
XGL "C5'" "H5'"  sing N N 95  
XGL "C5'" "H5''" sing N N 96  
XGL "C4'" "C6'"  sing N N 97  
XGL "C4'" "C3'"  sing N N 98  
XGL "C4'" "H4'"  sing N N 99  
XGL "C6'" "C7'"  doub N N 100 
XGL "C6'" "H6'"  sing N N 101 
XGL "C7'" "C1'"  sing N N 102 
XGL "C7'" "H7'"  sing N N 103 
XGL "C3'" "O3'"  sing N N 104 
XGL "C3'" "C2'"  sing N N 105 
XGL "C3'" "H3'"  sing N N 106 
XGL "O3'" "HO3'" sing N N 107 
XGL "C2'" "C1'"  sing N N 108 
XGL "C2'" "H2'"  sing N N 109 
XGL "C2'" "H2''" sing N N 110 
XGL "C1'" N9     sing N N 111 
XGL "C1'" "H1'"  sing N N 112 
XGL N9    C8     sing Y N 113 
XGL N9    C4     sing Y N 114 
XGL C8    N7     doub Y N 115 
XGL C8    H8     sing N N 116 
XGL N7    C5     sing Y N 117 
XGL C6    O6     doub N N 118 
XGL C6    C5     sing N N 119 
XGL C6    N1     sing N N 120 
XGL C5    C4     doub Y N 121 
XGL C4    N3     sing N N 122 
XGL N3    C2     doub N N 123 
XGL C2    N2     sing N N 124 
XGL C2    N1     sing N N 125 
XGL N2    HN21   sing N N 126 
XGL N2    HN22   sing N N 127 
XGL N1    HN1    sing N N 128 
XGL OP3   HOP3   sing N N 129 
XTL P     OP1    doub N N 130 
XTL P     OP2    sing N N 131 
XTL P     "O5'"  sing N N 132 
XTL P     OP3    sing N N 133 
XTL OP2   HOP2   sing N N 134 
XTL "O5'" "C5'"  sing N N 135 
XTL "C5'" "C4'"  sing N N 136 
XTL "C5'" "H5'"  sing N N 137 
XTL "C5'" "H5''" sing N N 138 
XTL "C4'" "C6'"  sing N N 139 
XTL "C4'" "C3'"  sing N N 140 
XTL "C4'" "H4'"  sing N N 141 
XTL "C6'" "C7'"  doub N N 142 
XTL "C6'" "H6'"  sing N N 143 
XTL "C7'" "C1'"  sing N N 144 
XTL "C7'" "H7'"  sing N N 145 
XTL "C3'" "O3'"  sing N N 146 
XTL "C3'" "C2'"  sing N N 147 
XTL "C3'" "H3'"  sing N N 148 
XTL "O3'" "HO3'" sing N N 149 
XTL "C2'" "C1'"  sing N N 150 
XTL "C2'" "H2'"  sing N N 151 
XTL "C2'" "H2''" sing N N 152 
XTL "C1'" N1     sing N N 153 
XTL "C1'" "H1'"  sing N N 154 
XTL C6    C5     doub N N 155 
XTL C6    N1     sing N N 156 
XTL C6    H6     sing N N 157 
XTL C5    C5M    sing N N 158 
XTL C5    C4     sing N N 159 
XTL C5M   H71    sing N N 160 
XTL C5M   H72    sing N N 161 
XTL C5M   H73    sing N N 162 
XTL C4    O4     doub N N 163 
XTL C4    N3     sing N N 164 
XTL N3    C2     sing N N 165 
XTL N3    HN3    sing N N 166 
XTL C2    O2     doub N N 167 
XTL C2    N1     sing N N 168 
XTL OP3   HOP3   sing N N 169 
# 
_pdbx_initial_refinement_model.accession_code   481D 
_pdbx_initial_refinement_model.id               1 
_pdbx_initial_refinement_model.entity_id_list   ? 
_pdbx_initial_refinement_model.type             'experimental model' 
_pdbx_initial_refinement_model.source_name      PDB 
_pdbx_initial_refinement_model.details          '1.60 A P 32 1 2 STRUCTURE OF H(GTGTACAC) (NDB CODE HD0001) WAS USED AS MODEL' 
# 
_atom_sites.entry_id                    2H0N 
_atom_sites.fract_transf_matrix[1][1]   0.02180273 
_atom_sites.fract_transf_matrix[1][2]   -0.01210729 
_atom_sites.fract_transf_matrix[1][3]   0.01240706 
_atom_sites.fract_transf_matrix[2][1]   0.02541965 
_atom_sites.fract_transf_matrix[2][2]   0.00230717 
_atom_sites.fract_transf_matrix[2][3]   -0.01115184 
_atom_sites.fract_transf_matrix[3][1]   0.00241456 
_atom_sites.fract_transf_matrix[3][2]   0.01267547 
_atom_sites.fract_transf_matrix[3][3]   0.00812616 
_atom_sites.fract_transf_vector[1]      0.000661 
_atom_sites.fract_transf_vector[2]      -0.244292 
_atom_sites.fract_transf_vector[3]      0.250545 
# 
loop_
_atom_type.symbol 
C 
N 
O 
P 
# 
loop_
_atom_site.group_PDB 
_atom_site.id 
_atom_site.type_symbol 
_atom_site.label_atom_id 
_atom_site.label_alt_id 
_atom_site.label_comp_id 
_atom_site.label_asym_id 
_atom_site.label_entity_id 
_atom_site.label_seq_id 
_atom_site.pdbx_PDB_ins_code 
_atom_site.Cartn_x 
_atom_site.Cartn_y 
_atom_site.Cartn_z 
_atom_site.occupancy 
_atom_site.B_iso_or_equiv 
_atom_site.pdbx_formal_charge 
_atom_site.auth_seq_id 
_atom_site.auth_comp_id 
_atom_site.auth_asym_id 
_atom_site.auth_atom_id 
_atom_site.pdbx_PDB_model_num 
HETATM 1   C "C5'" A XGL A 1 1 ? -11.419 3.313   -2.473  0.49 30.66 ? 1  XGL A "C5'" 1 
HETATM 2   C "C4'" A XGL A 1 1 ? -10.862 2.964   -3.830  0.49 14.39 ? 1  XGL A "C4'" 1 
HETATM 3   C "C6'" A XGL A 1 1 ? -11.162 1.557   -4.038  0.49 11.93 ? 1  XGL A "C6'" 1 
HETATM 4   C "C7'" A XGL A 1 1 ? -10.466 0.680   -4.726  0.49 10.74 ? 1  XGL A "C7'" 1 
HETATM 5   C "C3'" A XGL A 1 1 ? -9.331  3.162   -3.866  0.49 16.34 ? 1  XGL A "C3'" 1 
HETATM 6   O "O3'" A XGL A 1 1 ? -9.106  4.539   -3.799  0.49 17.80 ? 1  XGL A "O3'" 1 
HETATM 7   C "C2'" A XGL A 1 1 ? -8.860  2.582   -5.206  0.49 17.37 ? 1  XGL A "C2'" 1 
HETATM 8   C "C1'" A XGL A 1 1 ? -8.998  1.036   -5.137  0.49 17.80 ? 1  XGL A "C1'" 1 
HETATM 9   N N9    A XGL A 1 1 ? -7.956  0.258   -4.391  0.49 11.50 ? 1  XGL A N9    1 
HETATM 10  C C8    A XGL A 1 1 ? -8.153  -0.298  -3.135  0.49 7.22  ? 1  XGL A C8    1 
HETATM 11  N N7    A XGL A 1 1 ? -7.074  -0.926  -2.716  0.49 9.42  ? 1  XGL A N7    1 
HETATM 12  C C6    A XGL A 1 1 ? -4.804  -1.228  -3.855  0.49 12.78 ? 1  XGL A C6    1 
HETATM 13  O O6    A XGL A 1 1 ? -4.177  -1.891  -3.021  0.49 16.52 ? 1  XGL A O6    1 
HETATM 14  C C5    A XGL A 1 1 ? -6.144  -0.771  -3.737  0.49 11.23 ? 1  XGL A C5    1 
HETATM 15  C C4    A XGL A 1 1 ? -6.674  -0.041  -4.779  0.49 9.62  ? 1  XGL A C4    1 
HETATM 16  N N3    A XGL A 1 1 ? -6.090  0.314   -5.932  0.49 9.24  ? 1  XGL A N3    1 
HETATM 17  C C2    A XGL A 1 1 ? -4.842  -0.120  -6.027  0.49 11.97 ? 1  XGL A C2    1 
HETATM 18  N N2    A XGL A 1 1 ? -4.193  0.191   -7.141  0.49 19.98 ? 1  XGL A N2    1 
HETATM 19  N N1    A XGL A 1 1 ? -4.213  -0.853  -5.053  0.49 10.43 ? 1  XGL A N1    1 
HETATM 20  P P     A XTL A 1 2 ? -8.125  5.258   -2.756  0.49 23.59 ? 2  XTL A P     1 
HETATM 21  O OP1   A XTL A 1 2 ? -7.846  4.421   -1.588  0.49 29.36 ? 2  XTL A OP1   1 
HETATM 22  O OP2   A XTL A 1 2 ? -8.513  6.657   -2.595  0.49 33.46 ? 2  XTL A OP2   1 
HETATM 23  O "O5'" A XTL A 1 2 ? -6.704  5.289   -3.610  0.49 18.87 ? 2  XTL A "O5'" 1 
HETATM 24  C "C5'" A XTL A 1 2 ? -6.391  6.400   -4.469  0.49 19.08 ? 2  XTL A "C5'" 1 
HETATM 25  C "C4'" A XTL A 1 2 ? -5.268  6.043   -5.394  0.49 19.56 ? 2  XTL A "C4'" 1 
HETATM 26  C "C6'" A XTL A 1 2 ? -5.633  4.824   -6.091  0.49 14.06 ? 2  XTL A "C6'" 1 
HETATM 27  C "C7'" A XTL A 1 2 ? -4.805  3.838   -6.384  0.49 17.48 ? 2  XTL A "C7'" 1 
HETATM 28  C "C3'" A XTL A 1 2 ? -3.924  5.933   -4.667  0.49 19.72 ? 2  XTL A "C3'" 1 
HETATM 29  O "O3'" A XTL A 1 2 ? -3.518  7.280   -4.484  0.49 20.69 ? 2  XTL A "O3'" 1 
HETATM 30  C "C2'" A XTL A 1 2 ? -2.882  5.307   -5.609  0.49 15.62 ? 2  XTL A "C2'" 1 
HETATM 31  C "C1'" A XTL A 1 2 ? -3.326  3.847   -5.880  0.49 15.33 ? 2  XTL A "C1'" 1 
HETATM 32  C C6    A XTL A 1 2 ? -4.015  2.748   -3.820  0.49 19.67 ? 2  XTL A C6    1 
HETATM 33  C C5    A XTL A 1 2 ? -3.794  1.978   -2.740  0.49 19.62 ? 2  XTL A C5    1 
HETATM 34  C C5M   A XTL A 1 2 ? -4.949  1.744   -1.781  0.49 20.31 ? 2  XTL A C5M   1 
HETATM 35  C C4    A XTL A 1 2 ? -2.500  1.401   -2.507  0.49 17.94 ? 2  XTL A C4    1 
HETATM 36  O O4    A XTL A 1 2 ? -2.188  0.688   -1.559  0.49 14.81 ? 2  XTL A O4    1 
HETATM 37  N N3    A XTL A 1 2 ? -1.526  1.701   -3.472  0.49 17.05 ? 2  XTL A N3    1 
HETATM 38  C C2    A XTL A 1 2 ? -1.716  2.480   -4.585  0.49 17.77 ? 2  XTL A C2    1 
HETATM 39  O O2    A XTL A 1 2 ? -0.836  2.719   -5.406  0.49 16.09 ? 2  XTL A O2    1 
HETATM 40  N N1    A XTL A 1 2 ? -2.989  2.987   -4.718  0.49 20.41 ? 2  XTL A N1    1 
HETATM 41  P P     A XGL A 1 3 ? -3.149  7.863   -3.042  0.49 23.40 ? 3  XGL A P     1 
HETATM 42  O OP1   A XGL A 1 3 ? -3.578  6.976   -1.968  0.49 32.29 ? 3  XGL A OP1   1 
HETATM 43  O OP2   A XGL A 1 3 ? -3.585  9.275   -3.027  0.49 34.01 ? 3  XGL A OP2   1 
HETATM 44  O "O5'" A XGL A 1 3 ? -1.509  7.910   -3.039  0.49 18.41 ? 3  XGL A "O5'" 1 
HETATM 45  C "C5'" A XGL A 1 3 ? -0.896  8.883   -3.910  0.49 15.38 ? 3  XGL A "C5'" 1 
HETATM 46  C "C4'" A XGL A 1 3 ? 0.397   8.384   -4.477  0.49 19.07 ? 3  XGL A "C4'" 1 
HETATM 47  C "C6'" A XGL A 1 3 ? 0.061   7.203   -5.266  0.49 20.62 ? 3  XGL A "C6'" 1 
HETATM 48  C "C7'" A XGL A 1 3 ? 0.927   6.238   -5.549  0.49 23.30 ? 3  XGL A "C7'" 1 
HETATM 49  C "C3'" A XGL A 1 3 ? 1.384   8.039   -3.357  0.49 18.96 ? 3  XGL A "C3'" 1 
HETATM 50  O "O3'" A XGL A 1 3 ? 1.916   9.300   -2.989  0.49 15.27 ? 3  XGL A "O3'" 1 
HETATM 51  C "C2'" A XGL A 1 3 ? 2.539   7.200   -3.901  0.49 18.14 ? 3  XGL A "C2'" 1 
HETATM 52  C "C1'" A XGL A 1 3 ? 1.946   5.857   -4.419  0.49 26.58 ? 3  XGL A "C1'" 1 
HETATM 53  N N9    A XGL A 1 3 ? 1.513   4.867   -3.395  0.49 27.02 ? 3  XGL A N9    1 
HETATM 54  C C8    A XGL A 1 3 ? 0.225   4.787   -2.913  0.49 25.66 ? 3  XGL A C8    1 
HETATM 55  N N7    A XGL A 1 3 ? 0.072   3.841   -2.020  0.49 31.10 ? 3  XGL A N7    1 
HETATM 56  C C6    A XGL A 1 3 ? 1.791   2.207   -1.105  0.49 31.16 ? 3  XGL A C6    1 
HETATM 57  O O6    A XGL A 1 3 ? 1.154   1.533   -0.299  0.49 29.14 ? 3  XGL A O6    1 
HETATM 58  C C5    A XGL A 1 3 ? 1.335   3.272   -1.912  0.49 30.82 ? 3  XGL A C5    1 
HETATM 59  C C4    A XGL A 1 3 ? 2.234   3.893   -2.754  0.49 28.78 ? 3  XGL A C4    1 
HETATM 60  N N3    A XGL A 1 3 ? 3.543   3.625   -2.930  0.49 36.72 ? 3  XGL A N3    1 
HETATM 61  C C2    A XGL A 1 3 ? 3.966   2.624   -2.170  0.49 37.45 ? 3  XGL A C2    1 
HETATM 62  N N2    A XGL A 1 3 ? 5.242   2.216   -2.210  0.49 14.90 ? 3  XGL A N2    1 
HETATM 63  N N1    A XGL A 1 3 ? 3.140   1.951   -1.304  0.49 39.65 ? 3  XGL A N1    1 
HETATM 64  P P     A XTL A 1 4 ? 2.369   9.601   -1.492  0.49 21.24 ? 4  XTL A P     1 
HETATM 65  O OP1   A XTL A 1 4 ? 1.400   9.084   -0.524  0.49 15.53 ? 4  XTL A OP1   1 
HETATM 66  O OP2   A XTL A 1 4 ? 2.729   11.011  -1.447  0.49 24.99 ? 4  XTL A OP2   1 
HETATM 67  O "O5'" A XTL A 1 4 ? 3.730   8.706   -1.297  0.49 15.96 ? 4  XTL A "O5'" 1 
HETATM 68  C "C5'" A XTL A 1 4 ? 5.009   9.209   -1.741  0.49 16.74 ? 4  XTL A "C5'" 1 
HETATM 69  C "C4'" A XTL A 1 4 ? 6.097   8.191   -1.548  0.49 11.79 ? 4  XTL A "C4'" 1 
HETATM 70  C "C6'" A XTL A 1 4 ? 5.810   7.077   -2.443  0.49 9.68  ? 4  XTL A "C6'" 1 
HETATM 71  C "C7'" A XTL A 1 4 ? 5.920   5.766   -2.233  0.49 7.64  ? 4  XTL A "C7'" 1 
HETATM 72  C "C3'" A XTL A 1 4 ? 6.130   7.707   -0.076  0.49 11.46 ? 4  XTL A "C3'" 1 
HETATM 73  O "O3'" A XTL A 1 4 ? 6.814   8.734   0.615   0.49 11.89 ? 4  XTL A "O3'" 1 
HETATM 74  C "C2'" A XTL A 1 4 ? 6.960   6.432   -0.028  0.49 10.52 ? 4  XTL A "C2'" 1 
HETATM 75  C "C1'" A XTL A 1 4 ? 6.276   5.271   -0.812  0.49 9.21  ? 4  XTL A "C1'" 1 
HETATM 76  C C6    A XTL A 1 4 ? 3.921   5.260   -0.042  0.49 8.87  ? 4  XTL A C6    1 
HETATM 77  C C5    A XTL A 1 4 ? 2.913   4.802   0.717   0.49 8.40  ? 4  XTL A C5    1 
HETATM 78  C C5M   A XTL A 1 4 ? 1.525   5.387   0.611   0.49 13.42 ? 4  XTL A C5M   1 
HETATM 79  C C4    A XTL A 1 4 ? 3.164   3.730   1.651   0.49 10.88 ? 4  XTL A C4    1 
HETATM 80  O O4    A XTL A 1 4 ? 2.317   3.233   2.396   0.49 18.69 ? 4  XTL A O4    1 
HETATM 81  N N3    A XTL A 1 4 ? 4.457   3.278   1.662   0.49 10.04 ? 4  XTL A N3    1 
HETATM 82  C C2    A XTL A 1 4 ? 5.513   3.711   0.912   0.49 12.94 ? 4  XTL A C2    1 
HETATM 83  O O2    A XTL A 1 4 ? 6.641   3.243   0.992   0.49 11.48 ? 4  XTL A O2    1 
HETATM 84  N N1    A XTL A 1 4 ? 5.180   4.729   0.056   0.49 9.24  ? 4  XTL A N1    1 
HETATM 85  P P     A XAL A 1 5 ? 6.444   9.127   2.147   0.49 17.42 ? 5  XAL A P     1 
HETATM 86  O OP1   A XAL A 1 5 ? 5.067   8.643   2.440   0.49 20.11 ? 5  XAL A OP1   1 
HETATM 87  O OP2   A XAL A 1 5 ? 6.820   10.510  2.311   0.49 19.62 ? 5  XAL A OP2   1 
HETATM 88  O "O5'" A XAL A 1 5 ? 7.416   8.155   3.013   0.49 17.44 ? 5  XAL A "O5'" 1 
HETATM 89  C "C5'" A XAL A 1 5 ? 8.845   8.129   2.892   0.49 21.44 ? 5  XAL A "C5'" 1 
HETATM 90  C "C4'" A XAL A 1 5 ? 9.493   7.081   3.737   0.49 15.45 ? 5  XAL A "C4'" 1 
HETATM 91  C "C6'" A XAL A 1 5 ? 9.331   5.813   3.051   0.49 19.25 ? 5  XAL A "C6'" 1 
HETATM 92  C "C7'" A XAL A 1 5 ? 9.402   4.645   3.678   0.49 30.03 ? 5  XAL A "C7'" 1 
HETATM 93  C "C3'" A XAL A 1 5 ? 8.967   7.057   5.180   0.49 20.05 ? 5  XAL A "C3'" 1 
HETATM 94  O "O3'" A XAL A 1 5 ? 9.646   8.091   5.860   0.49 23.83 ? 5  XAL A "O3'" 1 
HETATM 95  C "C2'" A XAL A 1 5 ? 9.411   5.762   5.895   0.49 14.49 ? 5  XAL A "C2'" 1 
HETATM 96  C "C1'" A XAL A 1 5 ? 8.840   4.543   5.120   0.49 24.35 ? 5  XAL A "C1'" 1 
HETATM 97  N N9    A XAL A 1 5 ? 7.355   4.450   5.280   0.49 33.53 ? 5  XAL A N9    1 
HETATM 98  C C8    A XAL A 1 5 ? 6.317   5.058   4.626   0.49 30.96 ? 5  XAL A C8    1 
HETATM 99  N N7    A XAL A 1 5 ? 5.144   4.693   5.082   0.49 28.84 ? 5  XAL A N7    1 
HETATM 100 C C6    A XAL A 1 5 ? 4.638   3.038   6.983   0.49 26.89 ? 5  XAL A C6    1 
HETATM 101 N N6    A XAL A 1 5 ? 3.303   3.073   6.991   0.49 21.70 ? 5  XAL A N6    1 
HETATM 102 C C5    A XAL A 1 5 ? 5.438   3.791   6.098   0.49 30.83 ? 5  XAL A C5    1 
HETATM 103 C C4    A XAL A 1 5 ? 6.806   3.628   6.232   0.49 29.10 ? 5  XAL A C4    1 
HETATM 104 N N3    A XAL A 1 5 ? 7.454   2.844   7.102   0.49 29.84 ? 5  XAL A N3    1 
HETATM 105 C C2    A XAL A 1 5 ? 6.601   2.182   7.885   0.49 27.84 ? 5  XAL A C2    1 
HETATM 106 N N1    A XAL A 1 5 ? 5.267   2.241   7.866   0.49 28.09 ? 5  XAL A N1    1 
HETATM 107 P P     A XCL A 1 6 ? 9.420   8.589   7.356   0.49 30.02 ? 6  XCL A P     1 
HETATM 108 O OP1   A XCL A 1 6 ? 8.050   9.080   7.538   0.49 19.42 ? 6  XCL A OP1   1 
HETATM 109 O OP2   A XCL A 1 6 ? 10.522  9.455   7.780   0.49 29.48 ? 6  XCL A OP2   1 
HETATM 110 O "O5'" A XCL A 1 6 ? 9.554   7.226   8.276   0.49 24.29 ? 6  XCL A "O5'" 1 
HETATM 111 C "C5'" A XCL A 1 6 ? 10.685  7.061   9.153   0.49 19.29 ? 6  XCL A "C5'" 1 
HETATM 112 C "C4'" A XCL A 1 6 ? 10.489  5.884   10.059  0.49 13.53 ? 6  XCL A "C4'" 1 
HETATM 113 C "C6'" A XCL A 1 6 ? 10.251  4.728   9.193   0.49 9.79  ? 6  XCL A "C6'" 1 
HETATM 114 C "C7'" A XCL A 1 6 ? 9.398   3.765   9.490   0.49 13.69 ? 6  XCL A "C7'" 1 
HETATM 115 C "C3'" A XCL A 1 6 ? 9.382   6.109   11.081  0.49 14.20 ? 6  XCL A "C3'" 1 
HETATM 116 O "O3'" A XCL A 1 6 ? 9.946   6.958   12.073  0.49 16.94 ? 6  XCL A "O3'" 1 
HETATM 117 C "C2'" A XCL A 1 6 ? 9.029   4.787   11.784  0.49 12.19 ? 6  XCL A "C2'" 1 
HETATM 118 C "C1'" A XCL A 1 6 ? 8.404   3.864   10.688  0.49 13.35 ? 6  XCL A "C1'" 1 
HETATM 119 C C6    A XCL A 1 6 ? 6.750   5.134   9.344   0.49 14.67 ? 6  XCL A C6    1 
HETATM 120 C C5    A XCL A 1 6 ? 5.478   5.530   9.138   0.49 13.81 ? 6  XCL A C5    1 
HETATM 121 C C4    A XCL A 1 6 ? 4.465   5.102   10.036  0.49 16.06 ? 6  XCL A C4    1 
HETATM 122 N N4    A XCL A 1 6 ? 3.198   5.474   9.866   0.49 9.06  ? 6  XCL A N4    1 
HETATM 123 N N3    A XCL A 1 6 ? 4.737   4.306   11.096  0.49 16.66 ? 6  XCL A N3    1 
HETATM 124 C C2    A XCL A 1 6 ? 6.013   3.901   11.311  0.49 16.15 ? 6  XCL A C2    1 
HETATM 125 O O2    A XCL A 1 6 ? 6.303   3.168   12.275  0.49 16.61 ? 6  XCL A O2    1 
HETATM 126 N N1    A XCL A 1 6 ? 7.007   4.325   10.424  0.49 17.34 ? 6  XCL A N1    1 
HETATM 127 P P     A XAL A 1 7 ? 9.066   8.107   12.747  0.49 15.17 ? 7  XAL A P     1 
HETATM 128 O OP1   A XAL A 1 7 ? 7.898   8.465   11.954  0.49 14.28 ? 7  XAL A OP1   1 
HETATM 129 O OP2   A XAL A 1 7 ? 9.953   9.193   13.192  0.49 18.31 ? 7  XAL A OP2   1 
HETATM 130 O "O5'" A XAL A 1 7 ? 8.563   7.414   14.148  0.49 17.14 ? 7  XAL A "O5'" 1 
HETATM 131 C "C5'" A XAL A 1 7 ? 9.468   7.601   15.305  0.49 14.42 ? 7  XAL A "C5'" 1 
HETATM 132 C "C4'" A XAL A 1 7 ? 8.997   6.624   16.368  0.49 17.14 ? 7  XAL A "C4'" 1 
HETATM 133 C "C6'" A XAL A 1 7 ? 8.947   5.346   15.669  0.49 17.93 ? 7  XAL A "C6'" 1 
HETATM 134 C "C7'" A XAL A 1 7 ? 7.950   4.499   15.594  0.49 17.54 ? 7  XAL A "C7'" 1 
HETATM 135 C "C3'" A XAL A 1 7 ? 7.593   7.035   16.827  0.49 18.46 ? 7  XAL A "C3'" 1 
HETATM 136 O "O3'" A XAL A 1 7 ? 7.830   7.945   17.887  0.49 17.47 ? 7  XAL A "O3'" 1 
HETATM 137 C "C2'" A XAL A 1 7 ? 6.815   5.831   17.359  0.49 19.60 ? 7  XAL A "C2'" 1 
HETATM 138 C "C1'" A XAL A 1 7 ? 6.537   4.919   16.110  0.49 24.48 ? 7  XAL A "C1'" 1 
HETATM 139 N N9    A XAL A 1 7 ? 5.595   5.568   15.152  0.49 22.71 ? 7  XAL A N9    1 
HETATM 140 C C8    A XAL A 1 7 ? 5.801   6.429   14.112  0.49 20.30 ? 7  XAL A C8    1 
HETATM 141 N N7    A XAL A 1 7 ? 4.687   6.779   13.500  0.49 26.42 ? 7  XAL A N7    1 
HETATM 142 C C6    A XAL A 1 7 ? 2.300   6.049   14.032  0.49 27.62 ? 7  XAL A C6    1 
HETATM 143 N N6    A XAL A 1 7 ? 1.623   6.714   13.098  0.49 17.26 ? 7  XAL A N6    1 
HETATM 144 C C5    A XAL A 1 7 ? 3.695   6.103   14.185  0.49 26.74 ? 7  XAL A C5    1 
HETATM 145 C C4    A XAL A 1 7 ? 4.242   5.348   15.211  0.49 27.79 ? 7  XAL A C4    1 
HETATM 146 N N3    A XAL A 1 7 ? 3.587   4.572   16.075  0.49 29.91 ? 7  XAL A N3    1 
HETATM 147 C C2    A XAL A 1 7 ? 2.277   4.595   15.839  0.49 33.04 ? 7  XAL A C2    1 
HETATM 148 N N1    A XAL A 1 7 ? 1.616   5.272   14.891  0.49 30.24 ? 7  XAL A N1    1 
HETATM 149 P P     A XCL A 1 8 ? 6.857   9.228   18.001  0.49 20.41 ? 8  XCL A P     1 
HETATM 150 O OP1   A XCL A 1 8 ? 6.141   9.416   16.721  0.49 24.33 ? 8  XCL A OP1   1 
HETATM 151 O OP2   A XCL A 1 8 ? 7.601   10.319  18.564  0.49 23.64 ? 8  XCL A OP2   1 
HETATM 152 O "O5'" A XCL A 1 8 ? 5.722   8.712   19.068  0.49 15.30 ? 8  XCL A "O5'" 1 
HETATM 153 C "C5'" A XCL A 1 8 ? 5.881   8.440   20.457  0.49 15.35 ? 8  XCL A "C5'" 1 
HETATM 154 C "C4'" A XCL A 1 8 ? 4.600   7.832   21.009  0.49 20.94 ? 8  XCL A "C4'" 1 
HETATM 155 C "C6'" A XCL A 1 8 ? 4.408   6.573   20.281  0.49 20.30 ? 8  XCL A "C6'" 1 
HETATM 156 C "C7'" A XCL A 1 8 ? 3.252   6.078   19.871  0.49 21.77 ? 8  XCL A "C7'" 1 
HETATM 157 C "C3'" A XCL A 1 8 ? 3.455   8.796   20.552  0.49 20.02 ? 8  XCL A "C3'" 1 
HETATM 158 O "O3'" A XCL A 1 8 ? 3.640   9.874   21.447  0.49 22.47 ? 8  XCL A "O3'" 1 
HETATM 159 C "C2'" A XCL A 1 8 ? 2.112   8.100   20.780  0.49 15.12 ? 8  XCL A "C2'" 1 
HETATM 160 C "C1'" A XCL A 1 8 ? 2.007   6.990   19.675  0.49 18.70 ? 8  XCL A "C1'" 1 
HETATM 161 C C6    A XCL A 1 8 ? 2.611   7.965   17.474  0.49 25.23 ? 8  XCL A C6    1 
HETATM 162 C C5    A XCL A 1 8 ? 2.301   8.470   16.273  0.49 23.46 ? 8  XCL A C5    1 
HETATM 163 C C4    A XCL A 1 8 ? 0.911   8.553   15.945  0.49 18.45 ? 8  XCL A C4    1 
HETATM 164 N N4    A XCL A 1 8 ? 0.528   9.048   14.764  0.49 10.79 ? 8  XCL A N4    1 
HETATM 165 N N3    A XCL A 1 8 ? -0.021  8.146   16.794  0.49 11.23 ? 8  XCL A N3    1 
HETATM 166 C C2    A XCL A 1 8 ? 0.292   7.638   18.006  0.49 15.56 ? 8  XCL A C2    1 
HETATM 167 O O2    A XCL A 1 8 ? -0.589  7.261   18.794  0.49 13.05 ? 8  XCL A O2    1 
HETATM 168 N N1    A XCL A 1 8 ? 1.648   7.549   18.344  0.49 19.61 ? 8  XCL A N1    1 
HETATM 169 C "C5'" B XGL B 1 1 ? 6.554   -6.142  8.142   0.51 24.53 ? 1  XGL B "C5'" 1 
HETATM 170 C "C4'" B XGL B 1 1 ? 7.462   -4.999  7.749   0.51 14.72 ? 1  XGL B "C4'" 1 
HETATM 171 C "C6'" B XGL B 1 1 ? 7.194   -3.944  8.722   0.51 10.79 ? 1  XGL B "C6'" 1 
HETATM 172 C "C7'" B XGL B 1 1 ? 7.210   -2.647  8.512   0.51 10.73 ? 1  XGL B "C7'" 1 
HETATM 173 C "C3'" B XGL B 1 1 ? 7.086   -4.457  6.355   0.51 16.67 ? 1  XGL B "C3'" 1 
HETATM 174 O "O3'" B XGL B 1 1 ? 7.313   -5.452  5.400   0.51 16.64 ? 1  XGL B "O3'" 1 
HETATM 175 C "C2'" B XGL B 1 1 ? 7.889   -3.180  6.127   0.51 15.63 ? 1  XGL B "C2'" 1 
HETATM 176 C "C1'" B XGL B 1 1 ? 7.324   -2.065  7.062   0.51 16.86 ? 1  XGL B "C1'" 1 
HETATM 177 N N9    B XGL B 1 1 ? 6.083   -1.377  6.559   0.51 12.70 ? 1  XGL B N9    1 
HETATM 178 C C8    B XGL B 1 1 ? 4.823   -1.641  7.049   0.51 8.58  ? 1  XGL B C8    1 
HETATM 179 N N7    B XGL B 1 1 ? 3.901   -0.925  6.462   0.51 10.48 ? 1  XGL B N7    1 
HETATM 180 C C6    B XGL B 1 1 ? 4.130   0.821   4.603   0.51 12.15 ? 1  XGL B C6    1 
HETATM 181 O O6    B XGL B 1 1 ? 2.968   1.196   4.412   0.51 15.84 ? 1  XGL B O6    1 
HETATM 182 C C5    B XGL B 1 1 ? 4.590   -0.147  5.534   0.51 12.34 ? 1  XGL B C5    1 
HETATM 183 C C4    B XGL B 1 1 ? 5.940   -0.419  5.585   0.51 8.90  ? 1  XGL B C4    1 
HETATM 184 N N3    B XGL B 1 1 ? 6.915   0.125   4.851   0.51 8.64  ? 1  XGL B N3    1 
HETATM 185 C C2    B XGL B 1 1 ? 6.475   1.026   3.986   0.51 12.58 ? 1  XGL B C2    1 
HETATM 186 N N2    B XGL B 1 1 ? 7.389   1.615   3.216   0.51 18.81 ? 1  XGL B N2    1 
HETATM 187 N N1    B XGL B 1 1 ? 5.156   1.380   3.845   0.51 11.04 ? 1  XGL B N1    1 
HETATM 188 P P     B XTL B 1 2 ? 6.160   -5.848  4.328   0.51 19.65 ? 2  XTL B P     1 
HETATM 189 O OP1   B XTL B 1 2 ? 4.919   -5.135  4.568   0.51 18.13 ? 2  XTL B OP1   1 
HETATM 190 O OP2   B XTL B 1 2 ? 6.113   -7.285  4.110   0.51 24.32 ? 2  XTL B OP2   1 
HETATM 191 O "O5'" B XTL B 1 2 ? 6.794   -5.173  2.951   0.51 12.75 ? 2  XTL B "O5'" 1 
HETATM 192 C "C5'" B XTL B 1 2 ? 8.047   -5.697  2.453   0.51 14.83 ? 2  XTL B "C5'" 1 
HETATM 193 C "C4'" B XTL B 1 2 ? 8.567   -4.672  1.479   0.51 20.50 ? 2  XTL B "C4'" 1 
HETATM 194 C "C6'" B XTL B 1 2 ? 8.935   -3.523  2.308   0.51 22.07 ? 2  XTL B "C6'" 1 
HETATM 195 C "C7'" B XTL B 1 2 ? 8.646   -2.265  2.065   0.51 21.15 ? 2  XTL B "C7'" 1 
HETATM 196 C "C3'" B XTL B 1 2 ? 7.462   -4.323  0.460   0.51 17.43 ? 2  XTL B "C3'" 1 
HETATM 197 O "O3'" B XTL B 1 2 ? 7.674   -5.284  -0.562  0.51 17.84 ? 2  XTL B "O3'" 1 
HETATM 198 C "C2'" B XTL B 1 2 ? 7.828   -2.973  -0.212  0.51 16.41 ? 2  XTL B "C2'" 1 
HETATM 199 C "C1'" B XTL B 1 2 ? 7.716   -1.880  0.876   0.51 20.80 ? 2  XTL B "C1'" 1 
HETATM 200 C C6    B XTL B 1 2 ? 5.574   -2.104  2.034   0.51 18.10 ? 2  XTL B C6    1 
HETATM 201 C C5    B XTL B 1 2 ? 4.312   -1.705  2.290   0.51 23.26 ? 2  XTL B C5    1 
HETATM 202 C C5M   B XTL B 1 2 ? 3.488   -2.490  3.296   0.51 24.11 ? 2  XTL B C5M   1 
HETATM 203 C C4    B XTL B 1 2 ? 3.733   -0.562  1.638   0.51 23.62 ? 2  XTL B C4    1 
HETATM 204 O O4    B XTL B 1 2 ? 2.586   -0.156  1.837   0.51 16.16 ? 2  XTL B O4    1 
HETATM 205 N N3    B XTL B 1 2 ? 4.575   0.089   0.732   0.51 18.80 ? 2  XTL B N3    1 
HETATM 206 C C2    B XTL B 1 2 ? 5.870   -0.292  0.446   0.51 24.57 ? 2  XTL B C2    1 
HETATM 207 O O2    B XTL B 1 2 ? 6.578   0.301   -0.353  0.51 21.04 ? 2  XTL B O2    1 
HETATM 208 N N1    B XTL B 1 2 ? 6.334   -1.401  1.122   0.51 24.69 ? 2  XTL B N1    1 
HETATM 209 P P     B XGL B 1 3 ? 6.483   -5.935  -1.416  0.51 23.66 ? 3  XGL B P     1 
HETATM 210 O OP1   B XGL B 1 3 ? 5.228   -5.918  -0.660  0.51 28.91 ? 3  XGL B OP1   1 
HETATM 211 O OP2   B XGL B 1 3 ? 6.978   -7.221  -1.917  0.51 41.70 ? 3  XGL B OP2   1 
HETATM 212 O "O5'" B XGL B 1 3 ? 6.309   -4.934  -2.690  0.51 28.42 ? 3  XGL B "O5'" 1 
HETATM 213 C "C5'" B XGL B 1 3 ? 7.452   -4.662  -3.539  0.51 23.11 ? 3  XGL B "C5'" 1 
HETATM 214 C "C4'" B XGL B 1 3 ? 7.231   -3.439  -4.359  0.51 13.22 ? 3  XGL B "C4'" 1 
HETATM 215 C "C6'" B XGL B 1 3 ? 7.564   -2.274  -3.559  0.51 16.44 ? 3  XGL B "C6'" 1 
HETATM 216 C "C7'" B XGL B 1 3 ? 7.149   -1.041  -3.845  0.51 18.45 ? 3  XGL B "C7'" 1 
HETATM 217 C "C3'" B XGL B 1 3 ? 5.815   -3.355  -4.934  0.51 15.45 ? 3  XGL B "C3'" 1 
HETATM 218 O "O3'" B XGL B 1 3 ? 5.881   -4.289  -5.999  0.51 17.27 ? 3  XGL B "O3'" 1 
HETATM 219 C "C2'" B XGL B 1 3 ? 5.643   -1.964  -5.592  0.51 17.48 ? 3  XGL B "C2'" 1 
HETATM 220 C "C1'" B XGL B 1 3 ? 5.703   -0.897  -4.426  0.51 18.82 ? 3  XGL B "C1'" 1 
HETATM 221 N N9    B XGL B 1 3 ? 4.539   -1.090  -3.508  0.51 13.17 ? 3  XGL B N9    1 
HETATM 222 C C8    B XGL B 1 3 ? 4.411   -1.829  -2.367  0.51 12.81 ? 3  XGL B C8    1 
HETATM 223 N N7    B XGL B 1 3 ? 3.224   -1.752  -1.830  0.51 12.77 ? 3  XGL B N7    1 
HETATM 224 C C6    B XGL B 1 3 ? 1.196   -0.431  -2.635  0.51 12.87 ? 3  XGL B C6    1 
HETATM 225 O O6    B XGL B 1 3 ? 0.324   -0.676  -1.805  0.51 21.77 ? 3  XGL B O6    1 
HETATM 226 C C5    B XGL B 1 3 ? 2.526   -0.909  -2.671  0.51 10.39 ? 3  XGL B C5    1 
HETATM 227 C C4    B XGL B 1 3 ? 3.323   -0.486  -3.716  0.51 10.38 ? 3  XGL B C4    1 
HETATM 228 N N3    B XGL B 1 3 ? 3.052   0.323   -4.742  0.51 12.62 ? 3  XGL B N3    1 
HETATM 229 C C2    B XGL B 1 3 ? 1.803   0.771   -4.709  0.51 13.56 ? 3  XGL B C2    1 
HETATM 230 N N2    B XGL B 1 3 ? 1.385   1.596   -5.676  0.51 17.38 ? 3  XGL B N2    1 
HETATM 231 N N1    B XGL B 1 3 ? 0.935   0.408   -3.709  0.51 14.74 ? 3  XGL B N1    1 
HETATM 232 P P     B XTL B 1 4 ? 4.696   -5.172  -6.554  0.51 21.64 ? 4  XTL B P     1 
HETATM 233 O OP1   B XTL B 1 4 ? 3.852   -5.791  -5.535  0.51 23.72 ? 4  XTL B OP1   1 
HETATM 234 O OP2   B XTL B 1 4 ? 5.163   -6.065  -7.631  0.51 18.25 ? 4  XTL B OP2   1 
HETATM 235 O "O5'" B XTL B 1 4 ? 3.759   -4.031  -7.341  0.51 16.00 ? 4  XTL B "O5'" 1 
HETATM 236 C "C5'" B XTL B 1 4 ? 3.950   -3.942  -8.773  0.51 14.00 ? 4  XTL B "C5'" 1 
HETATM 237 C "C4'" B XTL B 1 4 ? 3.041   -2.909  -9.386  0.51 11.71 ? 4  XTL B "C4'" 1 
HETATM 238 C "C6'" B XTL B 1 4 ? 3.389   -1.674  -8.687  0.51 10.48 ? 4  XTL B "C6'" 1 
HETATM 239 C "C7'" B XTL B 1 4 ? 2.598   -0.779  -8.128  0.51 7.71  ? 4  XTL B "C7'" 1 
HETATM 240 C "C3'" B XTL B 1 4 ? 1.562   -3.299  -9.139  0.51 10.93 ? 4  XTL B "C3'" 1 
HETATM 241 O "O3'" B XTL B 1 4 ? 1.229   -4.126  -10.253 0.51 12.32 ? 4  XTL B "O3'" 1 
HETATM 242 C "C2'" B XTL B 1 4 ? 0.709   -2.037  -9.256  0.51 9.89  ? 4  XTL B "C2'" 1 
HETATM 243 C "C1'" B XTL B 1 4 ? 1.069   -1.014  -8.134  0.51 8.51  ? 4  XTL B "C1'" 1 
HETATM 244 C C6    B XTL B 1 4 ? 1.048   -2.329  -6.029  0.51 10.55 ? 4  XTL B C6    1 
HETATM 245 C C5    B XTL B 1 4 ? 0.474   -2.738  -4.881  0.51 11.62 ? 4  XTL B C5    1 
HETATM 246 C C5M   B XTL B 1 4 ? 1.203   -3.708  -3.976  0.51 14.60 ? 4  XTL B C5M   1 
HETATM 247 C C4    B XTL B 1 4 ? -0.834  -2.241  -4.537  0.51 14.46 ? 4  XTL B C4    1 
HETATM 248 O O4    B XTL B 1 4 ? -1.474  -2.529  -3.530  0.51 29.77 ? 4  XTL B O4    1 
HETATM 249 N N3    B XTL B 1 4 ? -1.387  -1.369  -5.446  0.51 15.57 ? 4  XTL B N3    1 
HETATM 250 C C2    B XTL B 1 4 ? -0.840  -0.930  -6.615  0.51 15.45 ? 4  XTL B C2    1 
HETATM 251 O O2    B XTL B 1 4 ? -1.392  -0.149  -7.377  0.51 12.15 ? 4  XTL B O2    1 
HETATM 252 N N1    B XTL B 1 4 ? 0.407   -1.452  -6.865  0.51 10.95 ? 4  XTL B N1    1 
HETATM 253 P P     B XAL B 1 5 ? 0.131   -5.314  -10.084 0.51 17.98 ? 5  XAL B P     1 
HETATM 254 O OP1   B XAL B 1 5 ? 0.014   -5.654  -8.634  0.51 19.07 ? 5  XAL B OP1   1 
HETATM 255 O OP2   B XAL B 1 5 ? 0.450   -6.308  -11.074 0.51 18.45 ? 5  XAL B OP2   1 
HETATM 256 O "O5'" B XAL B 1 5 ? -1.275  -4.576  -10.422 0.51 18.45 ? 5  XAL B "O5'" 1 
HETATM 257 C "C5'" B XAL B 1 5 ? -1.636  -4.124  -11.738 0.51 23.57 ? 5  XAL B "C5'" 1 
HETATM 258 C "C4'" B XAL B 1 5 ? -2.944  -3.388  -11.723 0.51 18.72 ? 5  XAL B "C4'" 1 
HETATM 259 C "C6'" B XAL B 1 5 ? -2.736  -2.153  -10.982 0.51 19.88 ? 5  XAL B "C6'" 1 
HETATM 260 C "C7'" B XAL B 1 5 ? -3.725  -1.436  -10.459 0.51 29.38 ? 5  XAL B "C7'" 1 
HETATM 261 C "C3'" B XAL B 1 5 ? -4.071  -4.233  -11.115 0.51 18.14 ? 5  XAL B "C3'" 1 
HETATM 262 O "O3'" B XAL B 1 5 ? -4.462  -5.152  -12.112 0.51 14.95 ? 5  XAL B "O3'" 1 
HETATM 263 C "C2'" B XAL B 1 5 ? -5.300  -3.324  -10.884 0.51 12.84 ? 5  XAL B "C2'" 1 
HETATM 264 C "C1'" B XAL B 1 5 ? -4.912  -2.241  -9.832  0.51 24.78 ? 5  XAL B "C1'" 1 
HETATM 265 N N9    B XAL B 1 5 ? -4.704  -2.873  -8.486  0.51 35.59 ? 5  XAL B N9    1 
HETATM 266 C C8    B XAL B 1 5 ? -3.585  -3.398  -7.888  0.51 33.69 ? 5  XAL B C8    1 
HETATM 267 N N7    B XAL B 1 5 ? -3.813  -3.867  -6.681  0.51 28.59 ? 5  XAL B N7    1 
HETATM 268 C C6    B XAL B 1 5 ? -6.033  -3.896  -5.403  0.51 25.78 ? 5  XAL B C6    1 
HETATM 269 N N6    B XAL B 1 5 ? -5.618  -4.482  -4.275  0.51 19.11 ? 5  XAL B N6    1 
HETATM 270 C C5    B XAL B 1 5 ? -5.170  -3.630  -6.487  0.51 30.68 ? 5  XAL B C5    1 
HETATM 271 C C4    B XAL B 1 5 ? -5.736  -3.018  -7.591  0.51 29.98 ? 5  XAL B C4    1 
HETATM 272 N N3    B XAL B 1 5 ? -7.016  -2.649  -7.745  0.51 28.39 ? 5  XAL B N3    1 
HETATM 273 C C2    B XAL B 1 5 ? -7.736  -2.947  -6.664  0.51 26.32 ? 5  XAL B C2    1 
HETATM 274 N N1    B XAL B 1 5 ? -7.320  -3.534  -5.535  0.51 27.47 ? 5  XAL B N1    1 
HETATM 275 P P     B XCL B 1 6 ? -5.160  -6.559  -11.806 0.51 19.11 ? 6  XCL B P     1 
HETATM 276 O OP1   B XCL B 1 6 ? -4.718  -7.131  -10.540 0.51 23.49 ? 6  XCL B OP1   1 
HETATM 277 O OP2   B XCL B 1 6 ? -5.027  -7.383  -13.015 0.51 21.07 ? 6  XCL B OP2   1 
HETATM 278 O "O5'" B XCL B 1 6 ? -6.753  -6.237  -11.623 0.51 19.93 ? 6  XCL B "O5'" 1 
HETATM 279 C "C5'" B XCL B 1 6 ? -7.582  -5.754  -12.698 0.51 19.11 ? 6  XCL B "C5'" 1 
HETATM 280 C "C4'" B XCL B 1 6 ? -8.908  -5.346  -12.097 0.51 16.86 ? 6  XCL B "C4'" 1 
HETATM 281 C "C6'" B XCL B 1 6 ? -8.653  -4.072  -11.426 0.51 16.58 ? 6  XCL B "C6'" 1 
HETATM 282 C "C7'" B XCL B 1 6 ? -9.115  -3.732  -10.241 0.51 16.69 ? 6  XCL B "C7'" 1 
HETATM 283 C "C3'" B XCL B 1 6 ? -9.367  -6.447  -11.119 0.51 14.19 ? 6  XCL B "C3'" 1 
HETATM 284 O "O3'" B XCL B 1 6 ? -9.987  -7.421  -11.949 0.51 14.85 ? 6  XCL B "O3'" 1 
HETATM 285 C "C2'" B XCL B 1 6 ? -10.466 -5.888  -10.199 0.51 13.40 ? 6  XCL B "C2'" 1 
HETATM 286 C "C1'" B XCL B 1 6 ? -9.779  -4.803  -9.315  0.51 19.09 ? 6  XCL B "C1'" 1 
HETATM 287 C C6    B XCL B 1 6 ? -7.742  -5.799  -8.325  0.51 14.78 ? 6  XCL B C6    1 
HETATM 288 C C5    B XCL B 1 6 ? -7.126  -6.361  -7.284  0.51 17.72 ? 6  XCL B C5    1 
HETATM 289 C C4    B XCL B 1 6 ? -7.848  -6.555  -6.066  0.51 20.32 ? 6  XCL B C4    1 
HETATM 290 N N4    B XCL B 1 6 ? -7.222  -7.116  -5.031  0.51 13.35 ? 6  XCL B N4    1 
HETATM 291 N N3    B XCL B 1 6 ? -9.139  -6.190  -5.931  0.51 14.07 ? 6  XCL B N3    1 
HETATM 292 C C2    B XCL B 1 6 ? -9.765  -5.617  -6.995  0.51 21.11 ? 6  XCL B C2    1 
HETATM 293 O O2    B XCL B 1 6 ? -10.951 -5.250  -6.964  0.51 20.21 ? 6  XCL B O2    1 
HETATM 294 N N1    B XCL B 1 6 ? -9.051  -5.430  -8.185  0.51 21.06 ? 6  XCL B N1    1 
HETATM 295 P P     B XAL B 1 7 ? -10.142 -8.928  -11.471 0.51 16.52 ? 7  XAL B P     1 
HETATM 296 O OP1   B XAL B 1 7 ? -9.009  -9.339  -10.639 0.51 17.92 ? 7  XAL B OP1   1 
HETATM 297 O OP2   B XAL B 1 7 ? -10.399 -9.777  -12.649 0.51 17.34 ? 7  XAL B OP2   1 
HETATM 298 O "O5'" B XAL B 1 7 ? -11.491 -8.982  -10.566 0.51 15.18 ? 7  XAL B "O5'" 1 
HETATM 299 C "C5'" B XAL B 1 7 ? -12.792 -8.971  -11.192 0.51 16.47 ? 7  XAL B "C5'" 1 
HETATM 300 C "C4'" B XAL B 1 7 ? -13.834 -8.933  -10.096 0.51 12.87 ? 7  XAL B "C4'" 1 
HETATM 301 C "C6'" B XAL B 1 7 ? -13.571 -7.678  -9.390  0.51 14.40 ? 7  XAL B "C6'" 1 
HETATM 302 C "C7'" B XAL B 1 7 ? -13.723 -7.439  -8.107  0.51 14.73 ? 7  XAL B "C7'" 1 
HETATM 303 C "C3'" B XAL B 1 7 ? -13.609 -10.115 -9.132  0.51 14.57 ? 7  XAL B "C3'" 1 
HETATM 304 O "O3'" B XAL B 1 7 ? -14.166 -11.216 -9.812  0.51 15.40 ? 7  XAL B "O3'" 1 
HETATM 305 C "C2'" B XAL B 1 7 ? -14.382 -9.822  -7.837  0.51 19.97 ? 7  XAL B "C2'" 1 
HETATM 306 C "C1'" B XAL B 1 7 ? -13.662 -8.619  -7.089  0.51 19.67 ? 7  XAL B "C1'" 1 
HETATM 307 N N9    B XAL B 1 7 ? -12.293 -9.085  -6.690  0.51 15.32 ? 7  XAL B N9    1 
HETATM 308 C C8    B XAL B 1 7 ? -11.072 -9.056  -7.314  0.51 19.12 ? 7  XAL B C8    1 
HETATM 309 N N7    B XAL B 1 7 ? -10.105 -9.587  -6.597  0.51 16.86 ? 7  XAL B N7    1 
HETATM 310 C C6    B XAL B 1 7 ? -10.277 -10.611 -4.276  0.51 12.32 ? 7  XAL B C6    1 
HETATM 311 N N6    B XAL B 1 7 ? -9.004  -10.953 -4.118  0.51 11.92 ? 7  XAL B N6    1 
HETATM 312 C C5    B XAL B 1 7 ? -10.747 -9.979  -5.441  0.51 9.71  ? 7  XAL B C5    1 
HETATM 313 C C4    B XAL B 1 7 ? -12.100 -9.679  -5.477  0.51 10.99 ? 7  XAL B C4    1 
HETATM 314 N N3    B XAL B 1 7 ? -13.021 -9.911  -4.550  0.51 11.08 ? 7  XAL B N3    1 
HETATM 315 C C2    B XAL B 1 7 ? -12.470 -10.512 -3.489  0.51 12.27 ? 7  XAL B C2    1 
HETATM 316 N N1    B XAL B 1 7 ? -11.187 -10.850 -3.336  0.51 12.49 ? 7  XAL B N1    1 
HETATM 317 P P     B XCL B 1 8 ? -13.620 -12.707 -9.715  0.51 18.09 ? 8  XCL B P     1 
HETATM 318 O OP1   B XCL B 1 8 ? -12.192 -12.794 -9.324  0.51 17.23 ? 8  XCL B OP1   1 
HETATM 319 O OP2   B XCL B 1 8 ? -13.989 -13.501 -10.873 0.51 23.83 ? 8  XCL B OP2   1 
HETATM 320 O "O5'" B XCL B 1 8 ? -14.431 -13.247 -8.386  0.51 24.73 ? 8  XCL B "O5'" 1 
HETATM 321 C "C5'" B XCL B 1 8 ? -15.691 -13.952 -8.506  0.51 24.33 ? 8  XCL B "C5'" 1 
HETATM 322 C "C4'" B XCL B 1 8 ? -16.109 -14.416 -7.119  0.51 23.53 ? 8  XCL B "C4'" 1 
HETATM 323 C "C6'" B XCL B 1 8 ? -15.983 -13.214 -6.290  0.51 21.16 ? 8  XCL B "C6'" 1 
HETATM 324 C "C7'" B XCL B 1 8 ? -15.526 -13.140 -5.052  0.51 21.84 ? 8  XCL B "C7'" 1 
HETATM 325 C "C3'" B XCL B 1 8 ? -15.034 -15.456 -6.662  0.51 18.16 ? 8  XCL B "C3'" 1 
HETATM 326 O "O3'" B XCL B 1 8 ? -15.489 -16.624 -7.313  0.51 22.71 ? 8  XCL B "O3'" 1 
HETATM 327 C "C2'" B XCL B 1 8 ? -15.157 -15.612 -5.145  0.51 13.98 ? 8  XCL B "C2'" 1 
HETATM 328 C "C1'" B XCL B 1 8 ? -14.628 -14.286 -4.504  0.51 18.74 ? 8  XCL B "C1'" 1 
HETATM 329 C C6    B XCL B 1 8 ? -12.455 -13.688 -5.611  0.51 29.31 ? 8  XCL B C6    1 
HETATM 330 C C5    B XCL B 1 8 ? -11.113 -13.654 -5.604  0.51 31.82 ? 8  XCL B C5    1 
HETATM 331 C C4    B XCL B 1 8 ? -10.450 -14.191 -4.458  0.51 26.44 ? 8  XCL B C4    1 
HETATM 332 N N4    B XCL B 1 8 ? -9.114  -14.194 -4.372  0.51 20.29 ? 8  XCL B N4    1 
HETATM 333 N N3    B XCL B 1 8 ? -11.136 -14.703 -3.439  0.51 17.78 ? 8  XCL B N3    1 
HETATM 334 C C2    B XCL B 1 8 ? -12.484 -14.736 -3.452  0.51 18.40 ? 8  XCL B C2    1 
HETATM 335 O O2    B XCL B 1 8 ? -13.150 -15.206 -2.521  0.51 16.66 ? 8  XCL B O2    1 
HETATM 336 N N1    B XCL B 1 8 ? -13.145 -14.214 -4.567  0.51 22.10 ? 8  XCL B N1    1 
HETATM 337 P P     A 2HP C 2 . ? 3.227   11.354  20.968  0.49 29.11 ? 9  2HP A P     1 
HETATM 338 O O1    A 2HP C 2 . ? 4.241   11.756  19.981  0.49 26.32 ? 9  2HP A O1    1 
HETATM 339 O O3    A 2HP C 2 . ? 1.828   11.362  20.546  0.49 27.33 ? 9  2HP A O3    1 
HETATM 340 O O4    A 2HP C 2 . ? 3.424   12.236  22.309  0.49 43.46 ? 9  2HP A O4    1 
HETATM 341 P P     B 2HP D 2 . ? -14.466 -17.759 -7.812  0.51 29.59 ? 9  2HP B P     1 
HETATM 342 O O1    B 2HP D 2 . ? -15.243 -18.971 -8.029  0.51 45.85 ? 9  2HP B O1    1 
HETATM 343 O O3    B 2HP D 2 . ? -13.628 -17.271 -8.923  0.51 26.52 ? 9  2HP B O3    1 
HETATM 344 O O4    B 2HP D 2 . ? -13.514 -17.925 -6.514  0.51 25.58 ? 9  2HP B O4    1 
HETATM 345 O O     A HOH E 3 . ? 4.543   -4.568  -12.495 0.16 8.91  ? 10 HOH A O     1 
HETATM 346 O O     A HOH E 3 . ? 5.666   1.328   -8.715  0.16 10.00 ? 11 HOH A O     1 
HETATM 347 O O     A HOH E 3 . ? 8.916   11.356  0.335   0.49 16.12 ? 12 HOH A O     1 
HETATM 348 O O     A HOH E 3 . ? -1.230  7.053   0.120   0.49 21.77 ? 13 HOH A O     1 
HETATM 349 O O     A HOH E 3 . ? -0.129  11.571  0.391   0.49 29.68 ? 14 HOH A O     1 
HETATM 350 O O     A HOH E 3 . ? 14.061  5.792   8.185   0.49 27.67 ? 15 HOH A O     1 
HETATM 351 O O     A HOH E 3 . ? 10.626  11.279  14.969  0.49 22.26 ? 16 HOH A O     1 
HETATM 352 O O     A HOH E 3 . ? 4.082   11.354  17.725  0.49 17.28 ? 17 HOH A O     1 
HETATM 353 O O     A HOH E 3 . ? -7.668  -9.963  -7.642  0.49 18.10 ? 18 HOH A O     1 
HETATM 354 O O     A HOH E 3 . ? -7.180  -1.931  -0.130  0.49 18.68 ? 19 HOH A O     1 
HETATM 355 O O     A HOH E 3 . ? -6.378  -8.863  -10.120 0.49 22.48 ? 20 HOH A O     1 
HETATM 356 O O     A HOH E 3 . ? 3.575   12.224  0.312   0.49 26.14 ? 21 HOH A O     1 
HETATM 357 O O     A HOH E 3 . ? -2.974  -1.474  0.515   0.49 31.63 ? 22 HOH A O     1 
HETATM 358 O O     A HOH E 3 . ? -6.556  9.645   -2.671  0.49 31.51 ? 23 HOH A O     1 
HETATM 359 O O     A HOH E 3 . ? 5.049   3.332   -4.899  0.49 19.22 ? 24 HOH A O     1 
HETATM 360 O O     A HOH E 3 . ? -7.761  -12.914 -6.721  0.49 25.82 ? 25 HOH A O     1 
HETATM 361 O O     A HOH E 3 . ? 1.653   4.751   5.209   0.49 25.98 ? 26 HOH A O     1 
HETATM 362 O O     A HOH E 3 . ? -4.849  -0.179  0.242   0.49 27.74 ? 27 HOH A O     1 
HETATM 363 O O     A HOH E 3 . ? 6.234   12.037  9.413   0.49 39.79 ? 28 HOH A O     1 
HETATM 364 O O     A HOH E 3 . ? -2.964  -4.085  0.102   0.49 37.97 ? 29 HOH A O     1 
HETATM 365 O O     A HOH E 3 . ? 0.714   -8.283  -16.030 0.49 30.84 ? 30 HOH A O     1 
HETATM 366 O O     A HOH E 3 . ? 10.380  2.228   6.701   0.49 20.49 ? 31 HOH A O     1 
HETATM 367 O O     A HOH E 3 . ? -6.958  -10.605 -5.372  0.49 33.22 ? 32 HOH A O     1 
HETATM 368 O O     A HOH E 3 . ? -8.837  8.348   1.824   0.49 32.91 ? 33 HOH A O     1 
HETATM 369 O O     A HOH E 3 . ? -9.510  6.691   0.292   0.49 37.88 ? 34 HOH A O     1 
HETATM 370 O O     A HOH E 3 . ? 12.515  3.066   6.746   0.49 19.71 ? 35 HOH A O     1 
HETATM 371 O O     A HOH E 3 . ? 3.642   2.924   -7.358  0.49 25.21 ? 36 HOH A O     1 
HETATM 372 O O     A HOH E 3 . ? 8.057   11.259  16.018  0.49 35.57 ? 37 HOH A O     1 
HETATM 373 O O     A HOH E 3 . ? -5.791  -11.937 -7.391  0.49 28.32 ? 38 HOH A O     1 
HETATM 374 O O     A HOH E 3 . ? 2.304   7.987   1.281   0.49 29.68 ? 39 HOH A O     1 
HETATM 375 O O     A HOH E 3 . ? 1.561   2.814   -6.395  0.49 35.84 ? 40 HOH A O     1 
HETATM 376 O O     B HOH F 3 . ? 7.608   11.521  -2.180  0.17 8.13  ? 10 HOH B O     1 
HETATM 377 O O     B HOH F 3 . ? 6.496   5.683   -5.923  0.17 11.38 ? 11 HOH B O     1 
HETATM 378 O O     B HOH F 3 . ? 1.925   -5.092  -13.383 0.51 15.05 ? 12 HOH B O     1 
HETATM 379 O O     B HOH F 3 . ? 3.117   -5.963  -2.590  0.51 22.43 ? 13 HOH B O     1 
HETATM 380 O O     B HOH F 3 . ? 4.657   -9.020  -5.686  0.51 27.07 ? 14 HOH B O     1 
HETATM 381 O O     B HOH F 3 . ? -10.598 -11.967 -17.564 0.51 29.38 ? 15 HOH B O     1 
HETATM 382 O O     B HOH F 3 . ? -11.218 -11.577 -14.304 0.51 23.81 ? 16 HOH B O     1 
HETATM 383 O O     B HOH F 3 . ? -11.825 -15.873 -8.659  0.51 20.95 ? 17 HOH B O     1 
HETATM 384 O O     B HOH F 3 . ? 4.528   8.069   11.183  0.51 20.06 ? 18 HOH B O     1 
HETATM 385 O O     B HOH F 3 . ? 1.237   -1.539  7.124   0.51 20.39 ? 19 HOH B O     1 
HETATM 386 O O     B HOH F 3 . ? 6.753   9.098   9.496   0.51 23.65 ? 20 HOH B O     1 
HETATM 387 O O     B HOH F 3 . ? 3.911   -7.918  -9.201  0.51 26.59 ? 21 HOH B O     1 
HETATM 388 O O     B HOH F 3 . ? -0.353  -0.454  3.351   0.51 34.90 ? 22 HOH B O     1 
HETATM 389 O O     B HOH F 3 . ? 8.299   -8.781  0.810   0.51 34.04 ? 23 HOH B O     1 
HETATM 390 O O     B HOH F 3 . ? 4.228   1.943   -6.238  0.51 20.10 ? 24 HOH B O     1 
HETATM 391 O O     B HOH F 3 . ? 2.525   9.931   12.822  0.51 30.07 ? 25 HOH B O     1 
HETATM 392 O O     B HOH F 3 . ? -3.166  -5.593  -3.569  0.51 24.60 ? 26 HOH B O     1 
HETATM 393 O O     B HOH F 3 . ? 0.929   -2.082  4.338   0.51 31.51 ? 27 HOH B O     1 
HETATM 394 O O     B HOH F 3 . ? -4.797  -11.405 -11.141 0.51 43.19 ? 28 HOH B O     1 
HETATM 395 O O     B HOH F 3 . ? -1.221  1.558   4.436   0.51 37.46 ? 29 HOH B O     1 
HETATM 396 O O     B HOH F 3 . ? 10.249  14.447  2.805   0.51 34.34 ? 30 HOH B O     1 
HETATM 397 O O     B HOH F 3 . ? -7.777  -0.689  -9.982  0.51 21.22 ? 31 HOH B O     1 
HETATM 398 O O     B HOH F 3 . ? 2.156   7.669   11.035  0.51 31.71 ? 32 HOH B O     1 
HETATM 399 O O     B HOH F 3 . ? 4.258   -10.902 3.428   0.51 37.97 ? 33 HOH B O     1 
HETATM 400 O O     B HOH F 3 . ? 5.421   -9.256  5.074   0.51 40.55 ? 34 HOH B O     1 
HETATM 401 O O     B HOH F 3 . ? -8.075  -0.588  -12.259 0.51 18.56 ? 35 HOH B O     1 
HETATM 402 O O     B HOH F 3 . ? 6.540   2.966   -4.881  0.51 26.68 ? 36 HOH B O     1 
HETATM 403 O O     B HOH F 3 . ? -11.414 -13.346 -12.152 0.51 34.73 ? 37 HOH B O     1 
HETATM 404 O O     B HOH F 3 . ? 2.920   10.425  10.611  0.51 30.83 ? 38 HOH B O     1 
HETATM 405 O O     B HOH F 3 . ? 1.612   -5.595  -6.002  0.51 30.32 ? 39 HOH B O     1 
HETATM 406 O O     B HOH F 3 . ? 6.170   1.555   -3.107  0.51 36.79 ? 40 HOH B O     1 
# 
